data_3ZUQ
#
_entry.id   3ZUQ
#
_cell.length_a   89.370
_cell.length_b   103.790
_cell.length_c   114.950
_cell.angle_alpha   90.00
_cell.angle_beta   90.00
_cell.angle_gamma   90.00
#
_symmetry.space_group_name_H-M   'P 21 21 21'
#
loop_
_entity.id
_entity.type
_entity.pdbx_description
1 polymer 'BOTULINUM NEUROTOXIN TYPE B'
2 non-polymer 'ZINC ION'
3 water water
#
_entity_poly.entity_id   1
_entity_poly.type   'polypeptide(L)'
_entity_poly.pdbx_seq_one_letter_code
;MPVTINNFNYNDPIDNNNIIMMEPPFARGTGRYYKAFKITDRIWIIPERYTFGYKPEDFNKSSGIFNRDVCEYYDPDYLN
TNDKKNIFLQTMIKLFNRIKSKPLGEKLLEMIINGIPYLGDRRVPLEEFNTNIASVTVNKLISNPGEVERKKGIFANLII
FGPGPVLNENETIDIGIQNHFASREGFGGIMQMKFCPEYVSVFNNVQENKGASIFNRRGYFSDPALILMHELIHVLHGLY
GIKVDDLPIVPNEKKFFMQSTDAIQAEELYTFGGQDPSIITPSTDKSIYDKVLQNFRGIVDRLNKVLVCISDPNININIY
KNKFKDKYKFVEDSEGKYSIDVESFDKLYKSLMFGFTETNIAENYKIKTRASYFSDSLPPVKIKNLLDNEIYTIEEGFNI
SDKDMEKEYRGQNKAINKQAYEEISKEHLAVYKIQMCVDGGGGSGGGGSGGGGSAIEGRAGGGGSGGGGSGGGGSALVLQ
CIDVDNEDLFFIADKNSFSDDLSKNERIEYNTQSNYIENDFPINELILDTDLISKIELPSENTESLTDFNVDVPVYEKQP
AIKKIFTDENTIFQYLYSQTFPLDIRDISLTSSFDDALLFSNKVYSFFSMDYIKTANKVVEAGLFAGWVKQIVNDFVIEA
NKSNTMDKIADISLIVPYIGLALNVGNETAKGNFENAFEIAGASILLEFIPELLIPVVGAFLLESYIDNKNKIIKTIDNA
LTKRNEKWSDMYGLIVAQWLSTVNTQFYTIKEGMYKALNYQAQALEEIIKYRYNIYSEKEKSNINIDFNDINSKLNEGIN
QAIDNINNFINGCSVSYLMKKMIPLAVEKLLDFDNTLKKNLLNYIDENKLYLIGSAEYEKSKVNKYLKTIMPFDLSIYTN
DTILIEMFNKYNSLEALASGHHHHHH
;
_entity_poly.pdbx_strand_id   A
#
# COMPACT_ATOMS: atom_id res chain seq x y z
N MET A 1 -10.64 9.77 -28.37
CA MET A 1 -9.53 9.35 -29.28
C MET A 1 -8.49 8.50 -28.55
N PRO A 2 -7.90 7.49 -29.25
CA PRO A 2 -6.84 6.63 -28.70
C PRO A 2 -5.60 7.43 -28.30
N VAL A 3 -5.01 7.07 -27.16
CA VAL A 3 -3.97 7.86 -26.50
C VAL A 3 -2.67 7.94 -27.32
N THR A 4 -2.25 9.17 -27.61
CA THR A 4 -1.05 9.43 -28.39
C THR A 4 0.13 9.81 -27.50
N ILE A 5 1.25 9.13 -27.67
CA ILE A 5 2.48 9.45 -26.96
C ILE A 5 3.43 10.20 -27.88
N ASN A 6 3.85 11.38 -27.46
CA ASN A 6 4.74 12.22 -28.26
C ASN A 6 6.20 11.80 -28.16
N ASN A 7 6.99 12.18 -29.15
CA ASN A 7 8.41 11.87 -29.21
C ASN A 7 9.23 13.14 -29.30
N PHE A 8 10.33 13.20 -28.55
CA PHE A 8 11.18 14.39 -28.49
C PHE A 8 12.52 14.12 -27.82
N ASN A 9 13.52 14.92 -28.19
CA ASN A 9 14.81 14.94 -27.53
C ASN A 9 14.89 16.18 -26.65
N TYR A 10 15.72 16.12 -25.61
CA TYR A 10 15.90 17.25 -24.71
C TYR A 10 16.45 18.48 -25.43
N ASN A 11 17.30 18.26 -26.42
CA ASN A 11 17.92 19.33 -27.20
C ASN A 11 17.01 19.99 -28.24
N ASP A 12 15.87 19.33 -28.55
CA ASP A 12 14.89 19.88 -29.50
C ASP A 12 14.44 21.28 -29.10
N PRO A 13 14.32 22.20 -30.08
CA PRO A 13 14.01 23.61 -29.84
C PRO A 13 12.60 23.84 -29.28
N ILE A 14 12.38 25.02 -28.72
CA ILE A 14 11.07 25.45 -28.25
C ILE A 14 10.18 25.77 -29.46
N ASP A 15 9.02 25.11 -29.52
CA ASP A 15 8.06 25.34 -30.60
C ASP A 15 6.80 26.06 -30.11
N ASN A 16 6.80 26.40 -28.83
CA ASN A 16 5.64 27.00 -28.14
C ASN A 16 4.38 26.11 -28.11
N ASN A 17 4.53 24.87 -28.56
CA ASN A 17 3.43 23.93 -28.65
C ASN A 17 3.64 22.70 -27.75
N ASN A 18 4.52 21.80 -28.18
CA ASN A 18 4.84 20.59 -27.41
C ASN A 18 6.07 20.76 -26.52
N ILE A 19 6.86 21.79 -26.80
CA ILE A 19 8.00 22.14 -25.96
C ILE A 19 7.92 23.61 -25.61
N ILE A 20 7.80 23.90 -24.32
CA ILE A 20 7.63 25.27 -23.82
C ILE A 20 8.52 25.55 -22.62
N MET A 21 8.75 26.83 -22.35
CA MET A 21 9.34 27.26 -21.08
C MET A 21 8.21 27.60 -20.11
N MET A 22 8.04 26.73 -19.10
CA MET A 22 6.87 26.77 -18.20
C MET A 22 7.21 27.31 -16.82
N GLU A 23 6.25 28.01 -16.21
CA GLU A 23 6.34 28.46 -14.83
C GLU A 23 5.45 27.58 -13.95
N PRO A 24 6.04 26.56 -13.30
CA PRO A 24 5.30 25.58 -12.51
C PRO A 24 4.62 26.22 -11.28
N PRO A 25 3.52 25.61 -10.79
CA PRO A 25 2.70 26.15 -9.69
C PRO A 25 3.49 26.70 -8.49
N PHE A 26 4.50 25.96 -8.04
CA PHE A 26 5.26 26.34 -6.86
C PHE A 26 6.39 27.35 -7.15
N ALA A 27 6.51 27.75 -8.41
CA ALA A 27 7.45 28.82 -8.80
C ALA A 27 6.97 30.18 -8.31
N ARG A 28 5.66 30.29 -8.05
CA ARG A 28 5.06 31.47 -7.41
C ARG A 28 5.25 32.77 -8.17
N GLY A 29 5.28 32.68 -9.50
CA GLY A 29 5.51 33.87 -10.35
C GLY A 29 6.78 34.65 -10.01
N THR A 30 7.88 33.92 -9.80
CA THR A 30 9.17 34.54 -9.47
C THR A 30 10.13 34.58 -10.66
N GLY A 31 9.57 34.45 -11.86
CA GLY A 31 10.35 34.54 -13.10
C GLY A 31 11.18 33.32 -13.44
N ARG A 32 10.97 32.24 -12.69
CA ARG A 32 11.64 30.97 -12.96
C ARG A 32 10.84 30.16 -13.97
N TYR A 33 11.52 29.70 -15.03
CA TYR A 33 10.88 28.91 -16.07
C TYR A 33 11.67 27.63 -16.34
N TYR A 34 10.95 26.56 -16.66
CA TYR A 34 11.52 25.24 -16.87
C TYR A 34 11.16 24.76 -18.27
N LYS A 35 12.11 24.10 -18.94
CA LYS A 35 11.83 23.49 -20.24
C LYS A 35 10.93 22.27 -20.03
N ALA A 36 9.69 22.35 -20.52
CA ALA A 36 8.69 21.31 -20.32
C ALA A 36 8.29 20.65 -21.63
N PHE A 37 8.18 19.34 -21.61
CA PHE A 37 7.86 18.56 -22.80
C PHE A 37 6.50 17.89 -22.64
N LYS A 38 5.62 18.11 -23.61
CA LYS A 38 4.28 17.53 -23.56
C LYS A 38 4.34 16.08 -24.05
N ILE A 39 4.33 15.15 -23.10
CA ILE A 39 4.40 13.72 -23.42
C ILE A 39 3.09 13.22 -24.03
N THR A 40 1.97 13.67 -23.47
CA THR A 40 0.63 13.44 -24.01
C THR A 40 -0.13 14.74 -23.80
N ASP A 41 -1.33 14.84 -24.34
CA ASP A 41 -2.18 16.01 -24.09
C ASP A 41 -2.43 16.19 -22.58
N ARG A 42 -2.21 17.40 -22.09
CA ARG A 42 -2.44 17.78 -20.68
C ARG A 42 -1.39 17.25 -19.68
N ILE A 43 -0.42 16.47 -20.16
CA ILE A 43 0.63 15.94 -19.28
C ILE A 43 2.01 16.41 -19.74
N TRP A 44 2.80 16.92 -18.81
CA TRP A 44 4.10 17.51 -19.13
C TRP A 44 5.23 16.90 -18.30
N ILE A 45 6.35 16.62 -18.96
CA ILE A 45 7.56 16.16 -18.27
C ILE A 45 8.54 17.32 -18.17
N ILE A 46 9.05 17.56 -16.96
CA ILE A 46 10.12 18.51 -16.73
C ILE A 46 11.32 17.77 -16.15
N PRO A 47 12.36 17.55 -16.97
CA PRO A 47 13.53 16.78 -16.54
C PRO A 47 14.42 17.58 -15.59
N GLU A 48 13.90 17.88 -14.41
CA GLU A 48 14.60 18.71 -13.44
C GLU A 48 14.33 18.21 -12.04
N ARG A 49 15.30 18.34 -11.15
CA ARG A 49 15.14 17.95 -9.76
C ARG A 49 14.02 18.76 -9.11
N TYR A 50 13.19 18.08 -8.32
CA TYR A 50 12.12 18.73 -7.58
C TYR A 50 12.68 19.47 -6.37
N THR A 51 12.72 20.79 -6.45
CA THR A 51 13.41 21.61 -5.45
C THR A 51 12.47 22.36 -4.51
N PHE A 52 11.20 22.49 -4.90
CA PHE A 52 10.22 23.33 -4.19
C PHE A 52 9.95 22.85 -2.75
N GLY A 53 10.22 23.72 -1.79
CA GLY A 53 10.02 23.41 -0.38
C GLY A 53 11.23 22.77 0.29
N TYR A 54 12.26 22.48 -0.51
CA TYR A 54 13.48 21.88 -0.01
C TYR A 54 14.60 22.92 0.13
N LYS A 55 15.75 22.45 0.59
CA LYS A 55 16.98 23.24 0.63
C LYS A 55 18.05 22.47 -0.13
N PRO A 56 19.06 23.18 -0.68
CA PRO A 56 20.14 22.51 -1.45
C PRO A 56 20.90 21.45 -0.64
N GLU A 57 21.12 21.73 0.65
CA GLU A 57 21.81 20.81 1.54
C GLU A 57 21.06 19.48 1.74
N ASP A 58 19.75 19.49 1.52
CA ASP A 58 18.91 18.31 1.68
C ASP A 58 19.22 17.21 0.66
N PHE A 59 19.75 17.60 -0.49
CA PHE A 59 20.02 16.67 -1.58
C PHE A 59 21.23 15.76 -1.31
N ASN A 60 21.96 16.07 -0.24
CA ASN A 60 23.08 15.24 0.22
C ASN A 60 22.68 14.37 1.41
N LYS A 61 23.29 13.18 1.49
CA LYS A 61 23.02 12.25 2.58
C LYS A 61 23.67 12.75 3.86
N SER A 62 22.85 12.93 4.90
CA SER A 62 23.33 13.39 6.20
C SER A 62 22.98 12.38 7.29
N SER A 63 22.84 12.86 8.52
CA SER A 63 22.49 12.02 9.66
C SER A 63 20.98 11.97 9.86
N GLY A 64 20.23 12.62 8.98
CA GLY A 64 18.79 12.69 9.08
C GLY A 64 18.03 12.10 7.90
N ILE A 65 16.74 11.86 8.11
CA ILE A 65 15.84 11.37 7.07
C ILE A 65 14.61 12.26 6.96
N PHE A 66 13.90 12.14 5.85
CA PHE A 66 12.62 12.82 5.67
C PHE A 66 11.46 11.93 6.10
N ASN A 67 11.54 10.65 5.76
CA ASN A 67 10.48 9.70 6.07
C ASN A 67 10.98 8.45 6.77
N ARG A 68 10.41 8.20 7.95
CA ARG A 68 10.77 7.06 8.80
C ARG A 68 10.48 5.71 8.13
N ASP A 69 9.56 5.70 7.17
CA ASP A 69 9.17 4.51 6.41
C ASP A 69 10.26 4.02 5.45
N VAL A 70 10.97 4.98 4.85
CA VAL A 70 11.70 4.75 3.62
C VAL A 70 13.20 4.56 3.84
N CYS A 71 13.79 3.61 3.11
CA CYS A 71 15.23 3.51 2.98
C CYS A 71 15.65 4.53 1.92
N GLU A 72 16.09 5.69 2.37
CA GLU A 72 16.29 6.83 1.48
C GLU A 72 17.67 6.89 0.83
N TYR A 73 17.68 6.88 -0.50
CA TYR A 73 18.92 7.01 -1.28
C TYR A 73 19.08 8.41 -1.83
N TYR A 74 20.26 8.99 -1.64
CA TYR A 74 20.56 10.36 -2.07
C TYR A 74 21.60 10.38 -3.18
N ASP A 75 21.37 11.24 -4.17
CA ASP A 75 22.34 11.50 -5.25
C ASP A 75 22.10 12.90 -5.86
N PRO A 76 22.91 13.88 -5.45
CA PRO A 76 22.78 15.26 -5.96
C PRO A 76 23.14 15.40 -7.44
N ASP A 77 23.96 14.49 -7.94
CA ASP A 77 24.45 14.53 -9.33
C ASP A 77 23.43 14.03 -10.36
N TYR A 78 22.45 13.27 -9.90
CA TYR A 78 21.38 12.76 -10.77
C TYR A 78 20.69 13.94 -11.47
N LEU A 79 20.74 13.92 -12.81
CA LEU A 79 20.15 14.95 -13.69
C LEU A 79 20.90 16.30 -13.70
N ASN A 80 22.24 16.24 -13.66
CA ASN A 80 23.06 17.45 -13.71
C ASN A 80 23.68 17.72 -15.09
N THR A 81 23.32 16.90 -16.08
CA THR A 81 23.83 17.03 -17.44
C THR A 81 22.68 16.95 -18.44
N ASN A 82 22.84 17.64 -19.57
CA ASN A 82 21.89 17.60 -20.68
C ASN A 82 21.62 16.18 -21.21
N ASP A 83 22.64 15.34 -21.19
CA ASP A 83 22.50 13.96 -21.63
C ASP A 83 21.68 13.14 -20.63
N LYS A 84 21.93 13.35 -19.34
CA LYS A 84 21.18 12.69 -18.26
C LYS A 84 19.70 13.06 -18.31
N LYS A 85 19.42 14.29 -18.71
CA LYS A 85 18.06 14.79 -18.87
C LYS A 85 17.36 14.13 -20.06
N ASN A 86 18.13 13.81 -21.09
CA ASN A 86 17.58 13.15 -22.28
C ASN A 86 17.24 11.70 -22.01
N ILE A 87 18.11 11.02 -21.26
CA ILE A 87 17.83 9.66 -20.80
C ILE A 87 16.51 9.63 -20.03
N PHE A 88 16.35 10.56 -19.08
CA PHE A 88 15.12 10.72 -18.30
C PHE A 88 13.90 10.82 -19.22
N LEU A 89 13.97 11.72 -20.20
CA LEU A 89 12.88 11.89 -21.16
C LEU A 89 12.55 10.59 -21.89
N GLN A 90 13.57 9.95 -22.46
CA GLN A 90 13.40 8.71 -23.22
C GLN A 90 12.84 7.57 -22.37
N THR A 91 13.28 7.50 -21.12
CA THR A 91 12.76 6.49 -20.19
C THR A 91 11.30 6.75 -19.85
N MET A 92 10.95 8.01 -19.63
CA MET A 92 9.56 8.39 -19.35
C MET A 92 8.66 8.10 -20.54
N ILE A 93 9.15 8.39 -21.74
CA ILE A 93 8.46 8.06 -22.99
C ILE A 93 8.24 6.56 -23.08
N LYS A 94 9.28 5.78 -22.76
CA LYS A 94 9.21 4.32 -22.81
C LYS A 94 8.21 3.75 -21.81
N LEU A 95 8.24 4.28 -20.58
CA LEU A 95 7.32 3.84 -19.52
C LEU A 95 5.86 4.14 -19.86
N PHE A 96 5.62 5.30 -20.48
CA PHE A 96 4.27 5.69 -20.89
C PHE A 96 3.77 4.80 -22.02
N ASN A 97 4.69 4.38 -22.89
CA ASN A 97 4.39 3.41 -23.96
C ASN A 97 4.08 2.02 -23.42
N ARG A 98 4.74 1.64 -22.31
CA ARG A 98 4.44 0.38 -21.64
C ARG A 98 3.07 0.42 -20.96
N ILE A 99 2.72 1.57 -20.41
CA ILE A 99 1.44 1.77 -19.75
C ILE A 99 0.26 1.56 -20.71
N LYS A 100 0.35 2.15 -21.91
CA LYS A 100 -0.74 2.06 -22.87
C LYS A 100 -0.68 0.84 -23.81
N SER A 101 0.27 -0.06 -23.53
CA SER A 101 0.40 -1.31 -24.29
C SER A 101 -0.73 -2.28 -24.00
N LYS A 102 -1.39 -2.11 -22.86
CA LYS A 102 -2.60 -2.87 -22.51
C LYS A 102 -3.76 -1.90 -22.30
N PRO A 103 -4.98 -2.32 -22.69
CA PRO A 103 -6.18 -1.47 -22.58
C PRO A 103 -6.37 -0.83 -21.20
N LEU A 104 -6.23 -1.62 -20.13
CA LEU A 104 -6.43 -1.13 -18.77
C LEU A 104 -5.64 0.16 -18.48
N GLY A 105 -4.37 0.17 -18.84
CA GLY A 105 -3.51 1.33 -18.64
C GLY A 105 -3.84 2.48 -19.56
N GLU A 106 -4.32 2.14 -20.76
CA GLU A 106 -4.77 3.16 -21.72
C GLU A 106 -5.98 3.90 -21.16
N LYS A 107 -6.90 3.15 -20.55
CA LYS A 107 -8.06 3.75 -19.88
C LYS A 107 -7.65 4.71 -18.78
N LEU A 108 -6.65 4.30 -17.99
CA LEU A 108 -6.12 5.12 -16.91
C LEU A 108 -5.59 6.45 -17.45
N LEU A 109 -4.85 6.37 -18.56
CA LEU A 109 -4.28 7.57 -19.20
C LEU A 109 -5.33 8.47 -19.84
N GLU A 110 -6.29 7.89 -20.56
CA GLU A 110 -7.32 8.70 -21.21
C GLU A 110 -8.21 9.42 -20.20
N MET A 111 -8.42 8.80 -19.04
CA MET A 111 -9.20 9.39 -17.96
C MET A 111 -8.44 10.52 -17.27
N ILE A 112 -7.12 10.37 -17.15
CA ILE A 112 -6.27 11.44 -16.63
C ILE A 112 -6.29 12.64 -17.58
N ILE A 113 -6.02 12.40 -18.86
CA ILE A 113 -5.97 13.43 -19.89
C ILE A 113 -7.27 14.24 -19.95
N ASN A 114 -8.40 13.53 -19.98
CA ASN A 114 -9.71 14.16 -20.14
C ASN A 114 -10.33 14.66 -18.84
N GLY A 115 -9.76 14.26 -17.71
CA GLY A 115 -10.25 14.68 -16.39
C GLY A 115 -9.75 16.06 -16.02
N ILE A 116 -10.12 17.05 -16.83
CA ILE A 116 -9.67 18.42 -16.65
C ILE A 116 -10.17 19.00 -15.33
N PRO A 117 -9.30 19.75 -14.62
CA PRO A 117 -9.69 20.41 -13.39
C PRO A 117 -10.83 21.39 -13.62
N TYR A 118 -11.79 21.42 -12.70
CA TYR A 118 -12.90 22.37 -12.77
C TYR A 118 -12.36 23.79 -12.74
N LEU A 119 -12.88 24.64 -13.64
CA LEU A 119 -12.45 26.02 -13.75
C LEU A 119 -12.95 26.85 -12.56
N GLY A 120 -12.51 26.47 -11.37
CA GLY A 120 -12.96 27.12 -10.15
C GLY A 120 -12.40 26.52 -8.88
N ASP A 121 -12.77 27.14 -7.77
CA ASP A 121 -12.29 26.82 -6.45
C ASP A 121 -13.48 26.96 -5.52
N ARG A 122 -13.31 26.65 -4.24
CA ARG A 122 -14.36 26.86 -3.25
C ARG A 122 -14.67 28.35 -3.03
N ARG A 123 -13.65 29.19 -3.22
CA ARG A 123 -13.77 30.65 -3.08
C ARG A 123 -14.51 31.26 -4.26
N VAL A 124 -14.49 30.56 -5.39
CA VAL A 124 -15.17 30.99 -6.60
C VAL A 124 -16.69 30.85 -6.42
N PRO A 125 -17.44 31.95 -6.69
CA PRO A 125 -18.90 31.92 -6.61
C PRO A 125 -19.52 30.89 -7.54
N LEU A 126 -20.67 30.35 -7.15
CA LEU A 126 -21.34 29.27 -7.87
C LEU A 126 -21.69 29.63 -9.33
N GLU A 127 -21.86 30.92 -9.59
CA GLU A 127 -22.33 31.41 -10.89
C GLU A 127 -21.19 31.63 -11.89
N GLU A 128 -19.95 31.49 -11.43
CA GLU A 128 -18.78 31.88 -12.23
C GLU A 128 -17.80 30.76 -12.51
N PHE A 129 -17.13 30.87 -13.65
CA PHE A 129 -15.90 30.12 -13.91
C PHE A 129 -14.73 31.06 -13.67
N ASN A 130 -13.67 30.54 -13.07
CA ASN A 130 -12.44 31.30 -12.88
C ASN A 130 -11.20 30.48 -13.22
N THR A 131 -10.47 30.93 -14.23
CA THR A 131 -9.24 30.26 -14.64
C THR A 131 -8.01 30.99 -14.12
N ASN A 132 -8.22 31.99 -13.27
CA ASN A 132 -7.13 32.79 -12.71
C ASN A 132 -6.65 32.26 -11.35
N ILE A 133 -6.49 30.94 -11.25
CA ILE A 133 -6.01 30.28 -10.04
C ILE A 133 -4.93 29.23 -10.34
N ALA A 134 -4.01 29.05 -9.39
CA ALA A 134 -2.81 28.22 -9.59
C ALA A 134 -3.09 26.73 -9.80
N SER A 135 -4.26 26.27 -9.39
CA SER A 135 -4.64 24.85 -9.54
C SER A 135 -5.30 24.56 -10.88
N VAL A 136 -5.45 25.59 -11.71
CA VAL A 136 -6.10 25.48 -13.01
C VAL A 136 -5.17 25.92 -14.14
N THR A 137 -4.53 27.08 -13.95
CA THR A 137 -3.71 27.69 -14.99
C THR A 137 -2.23 27.70 -14.65
N VAL A 138 -1.41 27.40 -15.66
CA VAL A 138 0.04 27.48 -15.57
C VAL A 138 0.53 28.36 -16.73
N ASN A 139 1.59 29.15 -16.48
CA ASN A 139 2.07 30.13 -17.44
C ASN A 139 3.25 29.65 -18.29
N LYS A 140 3.23 30.01 -19.57
CA LYS A 140 4.36 29.77 -20.44
C LYS A 140 4.94 31.07 -21.02
N LEU A 141 6.25 31.07 -21.24
CA LEU A 141 6.93 32.25 -21.77
C LEU A 141 7.14 32.11 -23.27
N ILE A 142 6.64 33.09 -24.01
CA ILE A 142 6.83 33.15 -25.46
C ILE A 142 8.03 34.02 -25.82
N SER A 143 8.90 33.48 -26.67
CA SER A 143 10.15 34.17 -27.03
C SER A 143 10.34 34.20 -28.55
N ASN A 144 9.77 35.22 -29.18
CA ASN A 144 9.85 35.41 -30.64
C ASN A 144 10.38 36.80 -31.03
N PRO A 145 10.73 36.98 -32.32
CA PRO A 145 11.06 38.30 -32.90
C PRO A 145 10.07 39.41 -32.55
N GLY A 146 10.55 40.65 -32.63
CA GLY A 146 9.82 41.84 -32.17
C GLY A 146 8.45 42.10 -32.79
N GLU A 147 7.43 41.44 -32.26
CA GLU A 147 6.03 41.64 -32.66
C GLU A 147 5.11 41.41 -31.46
N VAL A 148 5.20 40.21 -30.88
CA VAL A 148 4.44 39.85 -29.69
C VAL A 148 5.37 39.58 -28.50
N GLU A 149 5.02 40.14 -27.33
CA GLU A 149 5.78 39.93 -26.10
C GLU A 149 4.87 39.92 -24.88
N ARG A 150 4.90 38.82 -24.12
CA ARG A 150 4.00 38.62 -22.97
C ARG A 150 4.21 37.23 -22.37
N LYS A 151 3.38 36.90 -21.38
CA LYS A 151 3.21 35.52 -20.93
C LYS A 151 1.92 35.02 -21.59
N LYS A 152 1.71 33.70 -21.54
CA LYS A 152 0.45 33.11 -21.98
C LYS A 152 0.09 31.92 -21.11
N GLY A 153 -1.19 31.79 -20.79
CA GLY A 153 -1.66 30.71 -19.93
C GLY A 153 -2.06 29.47 -20.71
N ILE A 154 -1.71 28.31 -20.16
CA ILE A 154 -2.21 27.04 -20.68
C ILE A 154 -2.84 26.19 -19.58
N PHE A 155 -3.80 25.36 -19.96
CA PHE A 155 -4.39 24.38 -19.05
C PHE A 155 -3.52 23.13 -19.05
N ALA A 156 -3.35 22.56 -17.86
CA ALA A 156 -2.58 21.33 -17.70
C ALA A 156 -3.25 20.44 -16.65
N ASN A 157 -3.00 19.13 -16.74
CA ASN A 157 -3.54 18.19 -15.78
C ASN A 157 -2.46 17.59 -14.89
N LEU A 158 -1.30 17.30 -15.48
CA LEU A 158 -0.20 16.68 -14.75
C LEU A 158 1.16 17.22 -15.19
N ILE A 159 1.96 17.60 -14.21
CA ILE A 159 3.34 18.03 -14.46
C ILE A 159 4.27 17.10 -13.69
N ILE A 160 5.12 16.38 -14.43
CA ILE A 160 6.00 15.37 -13.85
C ILE A 160 7.44 15.87 -13.79
N PHE A 161 7.97 15.95 -12.57
CA PHE A 161 9.34 16.37 -12.33
C PHE A 161 10.24 15.17 -12.11
N GLY A 162 11.54 15.43 -12.03
CA GLY A 162 12.49 14.45 -11.54
C GLY A 162 12.37 14.35 -10.02
N PRO A 163 13.18 13.49 -9.39
CA PRO A 163 13.05 13.28 -7.94
C PRO A 163 13.45 14.51 -7.12
N GLY A 164 13.02 14.52 -5.87
CA GLY A 164 13.55 15.47 -4.88
C GLY A 164 14.87 14.95 -4.35
N PRO A 165 15.23 15.33 -3.12
CA PRO A 165 16.47 14.83 -2.50
C PRO A 165 16.55 13.31 -2.47
N VAL A 166 15.43 12.65 -2.18
CA VAL A 166 15.37 11.20 -2.10
C VAL A 166 14.91 10.63 -3.44
N LEU A 167 15.82 9.97 -4.15
CA LEU A 167 15.56 9.49 -5.52
C LEU A 167 14.41 8.51 -5.61
N ASN A 168 14.33 7.59 -4.66
CA ASN A 168 13.34 6.51 -4.69
C ASN A 168 12.04 6.81 -3.94
N GLU A 169 11.84 8.08 -3.57
CA GLU A 169 10.60 8.52 -2.93
C GLU A 169 9.68 9.21 -3.95
N ASN A 170 8.99 8.41 -4.75
CA ASN A 170 8.04 8.93 -5.72
C ASN A 170 6.79 9.42 -5.02
N GLU A 171 6.41 10.66 -5.30
CA GLU A 171 5.26 11.27 -4.65
C GLU A 171 4.42 12.07 -5.64
N THR A 172 3.11 12.07 -5.42
CA THR A 172 2.18 12.91 -6.18
C THR A 172 1.67 14.01 -5.26
N ILE A 173 1.78 15.25 -5.72
CA ILE A 173 1.44 16.41 -4.90
C ILE A 173 0.24 17.16 -5.47
N ASP A 174 -0.68 17.54 -4.58
CA ASP A 174 -1.80 18.40 -4.96
C ASP A 174 -1.56 19.84 -4.49
N ILE A 175 -2.26 20.79 -5.13
CA ILE A 175 -2.04 22.20 -4.88
C ILE A 175 -3.03 22.72 -3.83
N GLY A 176 -2.50 23.35 -2.80
CA GLY A 176 -3.31 23.95 -1.75
C GLY A 176 -3.38 25.46 -1.84
N ILE A 177 -4.59 26.01 -1.78
CA ILE A 177 -4.80 27.45 -1.74
C ILE A 177 -5.67 27.81 -0.54
N GLN A 178 -5.16 28.71 0.31
CA GLN A 178 -5.84 29.16 1.53
C GLN A 178 -6.17 27.99 2.48
N ASN A 179 -5.19 27.12 2.69
CA ASN A 179 -5.30 25.96 3.59
C ASN A 179 -6.23 24.83 3.09
N HIS A 180 -6.86 25.05 1.93
CA HIS A 180 -7.75 24.06 1.31
C HIS A 180 -7.18 23.50 0.01
N PHE A 181 -7.69 22.35 -0.42
CA PHE A 181 -7.23 21.68 -1.63
C PHE A 181 -8.40 21.39 -2.54
N ALA A 182 -8.31 21.83 -3.80
CA ALA A 182 -9.37 21.63 -4.78
C ALA A 182 -9.52 20.16 -5.18
N SER A 183 -8.42 19.42 -5.12
CA SER A 183 -8.39 18.00 -5.49
C SER A 183 -9.00 17.10 -4.40
N ARG A 184 -9.49 17.71 -3.32
CA ARG A 184 -10.14 16.98 -2.23
C ARG A 184 -11.58 17.44 -2.05
N GLU A 185 -12.09 18.22 -3.01
CA GLU A 185 -13.38 18.89 -2.84
C GLU A 185 -14.32 18.84 -4.06
N GLY A 186 -14.05 17.91 -4.97
CA GLY A 186 -14.90 17.72 -6.14
C GLY A 186 -14.41 18.44 -7.40
N PHE A 187 -13.74 19.57 -7.21
CA PHE A 187 -13.23 20.37 -8.32
C PHE A 187 -12.13 19.65 -9.09
N GLY A 188 -11.08 19.24 -8.38
CA GLY A 188 -9.87 18.73 -9.01
C GLY A 188 -8.89 19.87 -9.24
N GLY A 189 -7.65 19.52 -9.54
CA GLY A 189 -6.61 20.53 -9.78
C GLY A 189 -5.38 19.95 -10.44
N ILE A 190 -4.49 20.83 -10.91
CA ILE A 190 -3.24 20.40 -11.52
C ILE A 190 -2.45 19.55 -10.54
N MET A 191 -2.23 18.29 -10.91
CA MET A 191 -1.41 17.39 -10.11
C MET A 191 0.05 17.50 -10.51
N GLN A 192 0.92 17.44 -9.51
CA GLN A 192 2.36 17.40 -9.73
C GLN A 192 2.90 16.06 -9.28
N MET A 193 4.03 15.66 -9.84
CA MET A 193 4.66 14.41 -9.48
C MET A 193 6.18 14.51 -9.55
N LYS A 194 6.84 14.05 -8.50
CA LYS A 194 8.28 13.82 -8.56
C LYS A 194 8.54 12.33 -8.73
N PHE A 195 9.37 11.99 -9.72
CA PHE A 195 9.54 10.60 -10.14
C PHE A 195 10.97 10.29 -10.61
N CYS A 196 11.43 9.09 -10.29
CA CYS A 196 12.72 8.59 -10.73
C CYS A 196 12.58 7.14 -11.18
N PRO A 197 12.70 6.88 -12.49
CA PRO A 197 12.43 5.56 -13.04
C PRO A 197 13.54 4.53 -12.80
N GLU A 198 14.72 5.00 -12.42
CA GLU A 198 15.92 4.15 -12.43
C GLU A 198 16.15 3.46 -11.08
N TYR A 199 15.63 4.06 -10.01
CA TYR A 199 15.82 3.54 -8.67
C TYR A 199 14.51 3.02 -8.09
N VAL A 200 14.39 1.70 -8.04
CA VAL A 200 13.11 1.05 -7.71
C VAL A 200 13.13 0.30 -6.39
N SER A 201 11.95 0.16 -5.80
CA SER A 201 11.77 -0.53 -4.53
C SER A 201 11.97 -2.04 -4.65
N VAL A 202 12.37 -2.66 -3.55
CA VAL A 202 12.51 -4.10 -3.48
C VAL A 202 11.57 -4.66 -2.42
N PHE A 203 10.97 -5.80 -2.72
CA PHE A 203 10.06 -6.50 -1.81
C PHE A 203 10.37 -7.99 -1.81
N ASN A 204 9.67 -8.74 -0.97
CA ASN A 204 9.79 -10.19 -0.97
C ASN A 204 8.43 -10.89 -0.89
N ASN A 205 8.40 -12.19 -1.20
CA ASN A 205 7.19 -12.98 -1.13
C ASN A 205 7.29 -14.11 -0.09
N VAL A 206 7.40 -13.71 1.18
CA VAL A 206 7.63 -14.66 2.26
C VAL A 206 6.40 -15.53 2.58
N GLN A 207 5.23 -15.12 2.13
CA GLN A 207 4.03 -15.96 2.24
C GLN A 207 3.61 -16.59 0.91
N GLU A 208 4.29 -17.67 0.52
CA GLU A 208 3.99 -18.35 -0.74
C GLU A 208 4.05 -19.88 -0.64
N ASN A 209 3.93 -20.54 -1.80
CA ASN A 209 3.96 -22.00 -1.90
C ASN A 209 5.30 -22.52 -2.43
N LYS A 210 5.40 -23.84 -2.59
CA LYS A 210 6.60 -24.53 -3.10
C LYS A 210 7.72 -24.62 -2.06
N GLY A 211 8.13 -25.85 -1.76
CA GLY A 211 9.22 -26.12 -0.83
C GLY A 211 10.57 -26.17 -1.52
N ALA A 212 10.55 -26.38 -2.83
CA ALA A 212 11.76 -26.34 -3.66
C ALA A 212 12.25 -24.90 -3.79
N SER A 213 13.55 -24.74 -4.04
CA SER A 213 14.14 -23.43 -4.25
C SER A 213 13.40 -22.66 -5.35
N ILE A 214 13.67 -23.02 -6.61
CA ILE A 214 13.14 -22.32 -7.79
C ILE A 214 13.30 -20.80 -7.58
N PHE A 215 14.28 -20.46 -6.74
CA PHE A 215 14.62 -19.08 -6.36
C PHE A 215 13.49 -18.32 -5.67
N ASN A 216 12.73 -19.04 -4.85
CA ASN A 216 11.71 -18.44 -3.99
C ASN A 216 12.30 -17.58 -2.87
N ARG A 217 11.59 -16.52 -2.53
CA ARG A 217 11.93 -15.61 -1.42
C ARG A 217 13.32 -14.94 -1.50
N ARG A 218 13.91 -14.90 -2.69
CA ARG A 218 15.26 -14.36 -2.85
C ARG A 218 15.29 -12.84 -3.02
N GLY A 219 14.11 -12.25 -3.19
CA GLY A 219 13.99 -10.82 -3.42
C GLY A 219 13.51 -10.52 -4.83
N TYR A 220 12.72 -9.46 -4.96
CA TYR A 220 12.17 -9.05 -6.24
C TYR A 220 12.19 -7.53 -6.35
N PHE A 221 12.74 -7.02 -7.45
CA PHE A 221 12.68 -5.59 -7.71
C PHE A 221 11.40 -5.19 -8.44
N SER A 222 10.93 -3.97 -8.16
CA SER A 222 9.68 -3.45 -8.69
C SER A 222 9.86 -2.99 -10.13
N ASP A 223 8.76 -3.02 -10.89
CA ASP A 223 8.74 -2.58 -12.29
C ASP A 223 8.39 -1.10 -12.33
N PRO A 224 9.32 -0.26 -12.82
CA PRO A 224 9.17 1.20 -12.84
C PRO A 224 7.85 1.69 -13.44
N ALA A 225 7.31 0.93 -14.38
CA ALA A 225 6.04 1.28 -15.02
C ALA A 225 4.84 1.10 -14.08
N LEU A 226 4.93 0.10 -13.20
CA LEU A 226 3.92 -0.11 -12.17
C LEU A 226 3.98 0.98 -11.10
N ILE A 227 5.20 1.37 -10.72
CA ILE A 227 5.40 2.43 -9.74
C ILE A 227 4.80 3.73 -10.26
N LEU A 228 5.11 4.08 -11.49
CA LEU A 228 4.53 5.24 -12.17
C LEU A 228 2.99 5.17 -12.16
N MET A 229 2.46 3.97 -12.46
CA MET A 229 1.02 3.76 -12.49
C MET A 229 0.35 3.89 -11.12
N HIS A 230 1.09 3.57 -10.07
CA HIS A 230 0.63 3.78 -8.70
C HIS A 230 0.42 5.26 -8.45
N GLU A 231 1.35 6.08 -8.96
CA GLU A 231 1.28 7.53 -8.83
C GLU A 231 0.22 8.11 -9.77
N LEU A 232 -0.01 7.44 -10.89
CA LEU A 232 -1.03 7.88 -11.85
C LEU A 232 -2.44 7.72 -11.30
N ILE A 233 -2.64 6.72 -10.45
CA ILE A 233 -3.91 6.53 -9.76
C ILE A 233 -4.16 7.66 -8.77
N HIS A 234 -3.11 8.10 -8.07
CA HIS A 234 -3.19 9.30 -7.25
C HIS A 234 -3.58 10.51 -8.10
N VAL A 235 -2.86 10.71 -9.21
CA VAL A 235 -3.15 11.76 -10.19
C VAL A 235 -4.63 11.73 -10.60
N LEU A 236 -5.11 10.54 -10.96
CA LEU A 236 -6.51 10.34 -11.30
C LEU A 236 -7.43 10.85 -10.19
N HIS A 237 -7.25 10.34 -8.97
CA HIS A 237 -8.05 10.75 -7.81
C HIS A 237 -8.04 12.26 -7.58
N GLY A 238 -6.91 12.88 -7.86
CA GLY A 238 -6.73 14.33 -7.68
C GLY A 238 -7.40 15.18 -8.74
N LEU A 239 -7.43 14.68 -9.97
CA LEU A 239 -8.06 15.40 -11.08
C LEU A 239 -9.59 15.36 -10.98
N TYR A 240 -10.11 14.27 -10.43
CA TYR A 240 -11.54 14.14 -10.19
C TYR A 240 -11.99 14.75 -8.87
N GLY A 241 -11.05 15.35 -8.15
CA GLY A 241 -11.33 16.01 -6.88
C GLY A 241 -11.87 15.08 -5.80
N ILE A 242 -11.53 13.81 -5.88
CA ILE A 242 -12.05 12.78 -4.97
C ILE A 242 -10.98 12.23 -4.02
N LYS A 243 -9.80 12.86 -4.05
CA LYS A 243 -8.67 12.44 -3.22
C LYS A 243 -8.85 12.94 -1.78
N VAL A 244 -9.97 12.56 -1.18
CA VAL A 244 -10.38 13.11 0.12
C VAL A 244 -9.64 12.50 1.30
N ASP A 245 -9.65 13.22 2.42
CA ASP A 245 -9.11 12.75 3.68
C ASP A 245 -10.25 12.40 4.62
N ASP A 246 -10.10 11.29 5.34
CA ASP A 246 -11.05 10.90 6.38
C ASP A 246 -10.25 10.40 7.58
N LEU A 247 -10.83 9.50 8.37
CA LEU A 247 -10.15 8.94 9.53
C LEU A 247 -8.99 8.04 9.07
N PRO A 248 -7.75 8.43 9.40
CA PRO A 248 -6.59 7.67 8.92
C PRO A 248 -6.17 6.54 9.88
N ILE A 249 -5.35 5.63 9.37
CA ILE A 249 -4.74 4.59 10.20
C ILE A 249 -3.45 5.16 10.79
N VAL A 250 -3.43 5.30 12.11
CA VAL A 250 -2.29 5.90 12.80
C VAL A 250 -1.57 4.84 13.66
N PRO A 251 -0.24 4.73 13.52
CA PRO A 251 0.51 3.71 14.23
C PRO A 251 0.61 4.02 15.72
N ASN A 252 0.49 2.99 16.54
CA ASN A 252 0.72 3.10 17.96
C ASN A 252 2.22 3.19 18.20
N GLU A 253 2.63 4.14 19.04
CA GLU A 253 4.06 4.39 19.31
C GLU A 253 4.38 4.35 20.80
N LYS A 254 3.49 3.77 21.60
CA LYS A 254 3.65 3.72 23.06
C LYS A 254 4.60 2.63 23.54
N LYS A 255 5.07 1.80 22.61
CA LYS A 255 6.03 0.74 22.93
C LYS A 255 7.24 0.83 22.01
N PHE A 256 8.40 0.38 22.52
CA PHE A 256 9.66 0.47 21.78
C PHE A 256 9.69 -0.37 20.51
N PHE A 257 9.05 -1.55 20.57
CA PHE A 257 9.04 -2.49 19.44
C PHE A 257 8.07 -2.09 18.33
N MET A 258 7.26 -1.06 18.58
CA MET A 258 6.24 -0.62 17.63
C MET A 258 6.82 0.27 16.54
N GLN A 259 6.40 0.02 15.30
CA GLN A 259 6.91 0.74 14.12
C GLN A 259 6.44 2.19 14.10
N SER A 260 7.30 3.07 13.58
CA SER A 260 6.98 4.50 13.51
C SER A 260 6.77 5.00 12.08
N THR A 261 5.64 5.68 11.88
CA THR A 261 5.18 6.08 10.55
C THR A 261 4.19 7.24 10.65
N ASP A 262 4.06 8.02 9.58
CA ASP A 262 2.99 9.01 9.44
C ASP A 262 1.64 8.32 9.30
N ALA A 263 0.57 9.09 9.42
CA ALA A 263 -0.79 8.56 9.25
C ALA A 263 -1.01 8.02 7.83
N ILE A 264 -1.68 6.88 7.73
CA ILE A 264 -2.00 6.27 6.45
C ILE A 264 -3.46 6.53 6.10
N GLN A 265 -3.68 7.21 4.98
CA GLN A 265 -5.03 7.53 4.52
C GLN A 265 -5.67 6.37 3.74
N ALA A 266 -6.99 6.35 3.73
CA ALA A 266 -7.77 5.36 2.97
C ALA A 266 -7.50 5.46 1.47
N GLU A 267 -7.29 6.67 0.98
CA GLU A 267 -6.99 6.90 -0.44
C GLU A 267 -5.76 6.09 -0.88
N GLU A 268 -4.76 6.05 0.00
CA GLU A 268 -3.54 5.28 -0.20
C GLU A 268 -3.80 3.76 -0.24
N LEU A 269 -4.70 3.29 0.63
CA LEU A 269 -5.00 1.87 0.72
C LEU A 269 -5.93 1.40 -0.39
N TYR A 270 -6.85 2.26 -0.81
CA TYR A 270 -7.69 1.99 -1.99
C TYR A 270 -6.81 1.86 -3.22
N THR A 271 -5.84 2.76 -3.34
CA THR A 271 -4.90 2.78 -4.46
C THR A 271 -4.13 1.46 -4.58
N PHE A 272 -3.62 0.96 -3.46
CA PHE A 272 -2.91 -0.32 -3.44
C PHE A 272 -3.83 -1.49 -3.73
N GLY A 273 -5.02 -1.46 -3.15
CA GLY A 273 -6.01 -2.52 -3.34
C GLY A 273 -5.65 -3.80 -2.63
N GLY A 274 -6.08 -4.93 -3.22
CA GLY A 274 -5.85 -6.25 -2.66
C GLY A 274 -6.58 -6.43 -1.34
N GLN A 275 -5.83 -6.84 -0.31
CA GLN A 275 -6.39 -7.08 1.01
C GLN A 275 -6.54 -5.78 1.82
N ASP A 276 -5.84 -4.73 1.40
CA ASP A 276 -5.71 -3.50 2.18
C ASP A 276 -6.96 -2.67 2.47
N PRO A 277 -7.90 -2.57 1.51
CA PRO A 277 -9.11 -1.78 1.80
C PRO A 277 -9.88 -2.28 3.02
N SER A 278 -9.72 -3.56 3.34
CA SER A 278 -10.36 -4.16 4.52
C SER A 278 -9.81 -3.61 5.84
N ILE A 279 -8.66 -2.93 5.77
CA ILE A 279 -8.11 -2.24 6.93
C ILE A 279 -8.84 -0.91 7.16
N ILE A 280 -9.54 -0.44 6.13
CA ILE A 280 -10.45 0.70 6.25
C ILE A 280 -11.87 0.19 6.54
N THR A 281 -12.35 0.48 7.74
CA THR A 281 -13.66 0.00 8.21
C THR A 281 -14.83 0.46 7.32
N PRO A 282 -15.91 -0.35 7.23
CA PRO A 282 -17.11 0.03 6.48
C PRO A 282 -17.74 1.36 6.87
N SER A 283 -17.61 1.76 8.13
CA SER A 283 -18.07 3.08 8.57
C SER A 283 -17.30 4.19 7.86
N THR A 284 -15.98 4.05 7.78
CA THR A 284 -15.12 5.01 7.09
C THR A 284 -15.30 4.94 5.57
N ASP A 285 -15.56 3.74 5.05
CA ASP A 285 -15.88 3.52 3.63
C ASP A 285 -17.07 4.41 3.21
N LYS A 286 -18.13 4.35 4.00
CA LYS A 286 -19.35 5.14 3.76
C LYS A 286 -19.12 6.63 3.97
N SER A 287 -18.36 6.97 5.00
CA SER A 287 -18.01 8.36 5.31
C SER A 287 -17.30 9.03 4.14
N ILE A 288 -16.35 8.33 3.54
CA ILE A 288 -15.63 8.81 2.36
C ILE A 288 -16.56 8.95 1.17
N TYR A 289 -17.39 7.93 0.96
CA TYR A 289 -18.38 7.93 -0.11
C TYR A 289 -19.33 9.14 -0.02
N ASP A 290 -19.81 9.43 1.18
CA ASP A 290 -20.71 10.55 1.41
C ASP A 290 -20.06 11.91 1.10
N LYS A 291 -18.82 12.10 1.54
CA LYS A 291 -18.07 13.34 1.29
C LYS A 291 -17.84 13.57 -0.20
N VAL A 292 -17.51 12.50 -0.92
CA VAL A 292 -17.33 12.54 -2.37
C VAL A 292 -18.65 12.92 -3.05
N LEU A 293 -19.72 12.22 -2.69
CA LEU A 293 -21.06 12.47 -3.25
C LEU A 293 -21.55 13.90 -2.96
N GLN A 294 -21.27 14.40 -1.77
CA GLN A 294 -21.63 15.77 -1.39
C GLN A 294 -20.88 16.80 -2.22
N ASN A 295 -19.59 16.53 -2.47
CA ASN A 295 -18.75 17.37 -3.33
C ASN A 295 -19.26 17.41 -4.77
N PHE A 296 -19.70 16.24 -5.26
CA PHE A 296 -20.28 16.14 -6.60
C PHE A 296 -21.61 16.89 -6.70
N ARG A 297 -22.35 16.93 -5.60
CA ARG A 297 -23.60 17.69 -5.54
C ARG A 297 -23.35 19.19 -5.64
N GLY A 298 -22.20 19.63 -5.14
CA GLY A 298 -21.77 21.02 -5.25
C GLY A 298 -21.46 21.41 -6.68
N ILE A 299 -20.71 20.54 -7.38
CA ILE A 299 -20.35 20.77 -8.79
C ILE A 299 -21.58 20.77 -9.71
N VAL A 300 -22.52 19.85 -9.47
CA VAL A 300 -23.75 19.79 -10.27
C VAL A 300 -24.64 21.02 -10.02
N ASP A 301 -24.57 21.57 -8.81
CA ASP A 301 -25.27 22.82 -8.50
C ASP A 301 -24.58 23.99 -9.19
N ARG A 302 -23.26 23.95 -9.28
CA ARG A 302 -22.48 25.00 -9.92
C ARG A 302 -22.75 25.09 -11.42
N LEU A 303 -22.77 23.93 -12.09
CA LEU A 303 -23.03 23.85 -13.53
C LEU A 303 -24.41 24.36 -13.92
N ASN A 304 -25.37 24.20 -13.02
CA ASN A 304 -26.74 24.67 -13.24
C ASN A 304 -26.90 26.17 -13.02
N LYS A 305 -25.93 26.76 -12.34
CA LYS A 305 -25.97 28.17 -11.98
C LYS A 305 -24.93 29.02 -12.70
N VAL A 306 -23.97 28.35 -13.35
CA VAL A 306 -22.90 29.03 -14.07
C VAL A 306 -23.41 29.71 -15.34
N LEU A 307 -22.97 30.94 -15.57
CA LEU A 307 -23.41 31.74 -16.72
C LEU A 307 -22.26 32.49 -17.39
N VAL A 308 -21.29 32.94 -16.59
CA VAL A 308 -20.16 33.73 -17.08
C VAL A 308 -18.80 33.29 -16.54
N CYS A 309 -17.75 33.55 -17.32
CA CYS A 309 -16.37 33.37 -16.87
C CYS A 309 -15.74 34.74 -16.64
N ILE A 310 -15.23 34.96 -15.43
CA ILE A 310 -14.72 36.27 -15.03
C ILE A 310 -13.31 36.60 -15.53
N SER A 311 -12.45 35.57 -15.56
CA SER A 311 -11.07 35.72 -15.96
C SER A 311 -10.91 35.96 -17.47
N ASP A 312 -11.62 35.16 -18.26
CA ASP A 312 -11.48 35.19 -19.72
C ASP A 312 -12.83 35.13 -20.43
N PRO A 313 -13.16 36.19 -21.21
CA PRO A 313 -14.38 36.20 -22.02
C PRO A 313 -14.32 35.25 -23.22
N ASN A 314 -13.12 34.77 -23.55
CA ASN A 314 -12.91 33.82 -24.64
C ASN A 314 -13.28 32.39 -24.26
N ILE A 315 -13.48 32.16 -22.95
CA ILE A 315 -13.94 30.87 -22.46
C ILE A 315 -15.42 30.67 -22.81
N ASN A 316 -15.68 29.66 -23.64
CA ASN A 316 -17.03 29.32 -24.03
C ASN A 316 -17.73 28.53 -22.92
N ILE A 317 -18.83 29.08 -22.42
CA ILE A 317 -19.54 28.53 -21.26
C ILE A 317 -20.15 27.16 -21.55
N ASN A 318 -20.77 27.00 -22.71
CA ASN A 318 -21.40 25.74 -23.11
C ASN A 318 -20.41 24.59 -23.30
N ILE A 319 -19.25 24.89 -23.88
CA ILE A 319 -18.21 23.88 -24.13
C ILE A 319 -17.74 23.24 -22.82
N TYR A 320 -17.45 24.07 -21.82
CA TYR A 320 -17.02 23.57 -20.51
C TYR A 320 -18.17 22.97 -19.70
N LYS A 321 -19.39 23.44 -19.93
CA LYS A 321 -20.58 22.83 -19.33
C LYS A 321 -20.79 21.42 -19.89
N ASN A 322 -20.53 21.24 -21.19
CA ASN A 322 -20.64 19.94 -21.84
C ASN A 322 -19.51 19.00 -21.45
N LYS A 323 -18.35 19.57 -21.14
CA LYS A 323 -17.19 18.77 -20.78
C LYS A 323 -17.25 18.28 -19.33
N PHE A 324 -17.69 19.15 -18.42
CA PHE A 324 -17.84 18.76 -17.01
C PHE A 324 -19.00 17.78 -16.80
N LYS A 325 -19.99 17.85 -17.69
CA LYS A 325 -21.05 16.85 -17.78
C LYS A 325 -20.45 15.50 -18.15
N ASP A 326 -19.53 15.53 -19.12
CA ASP A 326 -18.84 14.34 -19.60
C ASP A 326 -17.83 13.79 -18.59
N LYS A 327 -17.22 14.68 -17.81
CA LYS A 327 -16.23 14.28 -16.82
C LYS A 327 -16.87 13.62 -15.60
N TYR A 328 -17.91 14.26 -15.05
CA TYR A 328 -18.54 13.80 -13.81
C TYR A 328 -19.72 12.85 -14.04
N LYS A 329 -20.06 12.62 -15.31
CA LYS A 329 -21.17 11.74 -15.72
C LYS A 329 -22.54 12.17 -15.20
N PHE A 330 -22.89 13.43 -15.46
CA PHE A 330 -24.22 13.94 -15.12
C PHE A 330 -25.21 13.68 -16.25
N VAL A 331 -26.50 13.71 -15.91
CA VAL A 331 -27.56 13.59 -16.90
C VAL A 331 -28.28 14.92 -17.12
N GLU A 332 -28.61 15.20 -18.37
CA GLU A 332 -29.32 16.41 -18.74
C GLU A 332 -30.76 16.06 -19.12
N ASP A 333 -31.71 16.81 -18.57
CA ASP A 333 -33.13 16.60 -18.88
C ASP A 333 -33.59 17.47 -20.06
N SER A 334 -34.89 17.76 -20.11
CA SER A 334 -35.49 18.51 -21.21
C SER A 334 -35.13 19.99 -21.19
N GLU A 335 -35.24 20.61 -20.01
CA GLU A 335 -34.98 22.04 -19.86
C GLU A 335 -33.48 22.38 -19.85
N GLY A 336 -32.65 21.37 -19.61
CA GLY A 336 -31.20 21.55 -19.57
C GLY A 336 -30.64 21.61 -18.16
N LYS A 337 -31.33 20.96 -17.23
CA LYS A 337 -30.93 20.90 -15.83
C LYS A 337 -30.10 19.64 -15.58
N TYR A 338 -28.89 19.82 -15.08
CA TYR A 338 -28.00 18.70 -14.77
C TYR A 338 -28.33 18.13 -13.39
N SER A 339 -28.34 16.80 -13.29
CA SER A 339 -28.58 16.12 -12.02
C SER A 339 -27.73 14.86 -11.90
N ILE A 340 -27.65 14.32 -10.68
CA ILE A 340 -26.83 13.14 -10.42
C ILE A 340 -27.66 11.85 -10.49
N ASP A 341 -27.25 10.95 -11.37
CA ASP A 341 -27.77 9.59 -11.40
C ASP A 341 -26.91 8.74 -10.47
N VAL A 342 -27.56 8.09 -9.50
CA VAL A 342 -26.85 7.29 -8.50
C VAL A 342 -26.16 6.08 -9.14
N GLU A 343 -26.84 5.44 -10.09
CA GLU A 343 -26.28 4.30 -10.82
C GLU A 343 -25.04 4.67 -11.64
N SER A 344 -25.00 5.90 -12.15
CA SER A 344 -23.82 6.44 -12.82
C SER A 344 -22.71 6.74 -11.84
N PHE A 345 -23.04 7.46 -10.77
CA PHE A 345 -22.07 7.87 -9.76
C PHE A 345 -21.39 6.69 -9.09
N ASP A 346 -22.16 5.67 -8.74
CA ASP A 346 -21.63 4.48 -8.06
C ASP A 346 -20.67 3.71 -8.96
N LYS A 347 -21.01 3.60 -10.23
CA LYS A 347 -20.15 2.98 -11.24
C LYS A 347 -18.83 3.76 -11.33
N LEU A 348 -18.94 5.08 -11.43
CA LEU A 348 -17.78 5.97 -11.48
C LEU A 348 -16.95 5.85 -10.20
N TYR A 349 -17.59 6.03 -9.05
CA TYR A 349 -16.90 5.97 -7.75
C TYR A 349 -16.14 4.66 -7.55
N LYS A 350 -16.78 3.54 -7.88
CA LYS A 350 -16.18 2.22 -7.70
C LYS A 350 -15.04 1.94 -8.69
N SER A 351 -15.14 2.50 -9.89
CA SER A 351 -14.11 2.32 -10.91
C SER A 351 -12.82 3.08 -10.56
N LEU A 352 -12.98 4.27 -10.00
CA LEU A 352 -11.84 5.12 -9.66
C LEU A 352 -11.16 4.67 -8.38
N MET A 353 -11.96 4.20 -7.40
CA MET A 353 -11.45 3.81 -6.09
C MET A 353 -11.07 2.34 -5.99
N PHE A 354 -11.86 1.47 -6.61
CA PHE A 354 -11.65 0.02 -6.48
C PHE A 354 -11.28 -0.67 -7.80
N GLY A 355 -11.52 0.00 -8.92
CA GLY A 355 -11.14 -0.50 -10.24
C GLY A 355 -9.66 -0.30 -10.50
N PHE A 356 -9.28 0.96 -10.73
CA PHE A 356 -7.87 1.32 -10.94
C PHE A 356 -7.07 1.19 -9.64
N THR A 357 -6.32 0.08 -9.56
CA THR A 357 -5.68 -0.35 -8.33
C THR A 357 -4.34 -0.99 -8.66
N GLU A 358 -3.32 -0.73 -7.83
CA GLU A 358 -1.98 -1.31 -8.01
C GLU A 358 -2.03 -2.84 -8.13
N THR A 359 -2.87 -3.48 -7.33
CA THR A 359 -3.03 -4.93 -7.34
C THR A 359 -3.74 -5.41 -8.61
N ASN A 360 -4.79 -4.71 -9.02
CA ASN A 360 -5.52 -5.03 -10.24
C ASN A 360 -4.68 -4.83 -11.50
N ILE A 361 -3.88 -3.76 -11.52
CA ILE A 361 -3.03 -3.44 -12.66
C ILE A 361 -1.86 -4.41 -12.77
N ALA A 362 -1.16 -4.64 -11.65
CA ALA A 362 -0.07 -5.60 -11.61
C ALA A 362 -0.51 -6.98 -12.09
N GLU A 363 -1.69 -7.41 -11.66
CA GLU A 363 -2.23 -8.74 -11.99
C GLU A 363 -2.75 -8.82 -13.44
N ASN A 364 -2.87 -7.67 -14.10
CA ASN A 364 -3.26 -7.64 -15.51
C ASN A 364 -2.06 -7.54 -16.44
N TYR A 365 -0.99 -6.91 -15.95
CA TYR A 365 0.22 -6.71 -16.72
C TYR A 365 1.25 -7.80 -16.49
N LYS A 366 0.88 -8.77 -15.65
CA LYS A 366 1.77 -9.86 -15.23
C LYS A 366 3.07 -9.30 -14.62
N ILE A 367 2.90 -8.43 -13.63
CA ILE A 367 4.01 -7.87 -12.88
C ILE A 367 3.86 -8.24 -11.41
N LYS A 368 4.93 -8.75 -10.81
CA LYS A 368 4.94 -9.05 -9.39
C LYS A 368 5.07 -7.76 -8.59
N THR A 369 4.22 -7.63 -7.58
CA THR A 369 4.30 -6.53 -6.63
C THR A 369 4.19 -7.09 -5.21
N ARG A 370 4.46 -6.24 -4.22
CA ARG A 370 4.34 -6.64 -2.81
C ARG A 370 2.91 -7.07 -2.45
N ALA A 371 2.79 -7.92 -1.44
CA ALA A 371 1.51 -8.49 -1.04
C ALA A 371 0.56 -7.47 -0.44
N SER A 372 1.09 -6.58 0.38
CA SER A 372 0.30 -5.56 1.07
C SER A 372 1.07 -4.24 1.12
N TYR A 373 0.36 -3.17 1.45
CA TYR A 373 1.00 -1.89 1.74
C TYR A 373 1.87 -2.03 2.99
N PHE A 374 1.55 -3.02 3.81
CA PHE A 374 2.25 -3.25 5.06
C PHE A 374 3.37 -4.27 4.96
N SER A 375 3.62 -4.77 3.75
CA SER A 375 4.76 -5.64 3.48
C SER A 375 6.05 -4.88 3.73
N ASP A 376 7.05 -5.58 4.27
CA ASP A 376 8.37 -4.99 4.49
C ASP A 376 9.03 -4.64 3.15
N SER A 377 9.72 -3.50 3.12
CA SER A 377 10.40 -3.06 1.91
C SER A 377 11.91 -3.11 2.13
N LEU A 378 12.60 -3.77 1.19
CA LEU A 378 14.05 -3.94 1.24
C LEU A 378 14.76 -2.74 0.60
N PRO A 379 16.09 -2.62 0.80
CA PRO A 379 16.90 -1.57 0.17
C PRO A 379 16.73 -1.52 -1.35
N PRO A 380 16.50 -0.31 -1.92
CA PRO A 380 16.25 -0.13 -3.34
C PRO A 380 17.46 -0.50 -4.21
N VAL A 381 17.24 -0.67 -5.50
CA VAL A 381 18.31 -0.99 -6.45
C VAL A 381 18.26 -0.11 -7.69
N LYS A 382 19.39 -0.01 -8.38
CA LYS A 382 19.47 0.73 -9.65
C LYS A 382 19.37 -0.23 -10.84
N ILE A 383 18.43 0.07 -11.75
CA ILE A 383 18.31 -0.67 -12.99
C ILE A 383 19.34 -0.11 -13.98
N LYS A 384 20.26 -0.96 -14.43
CA LYS A 384 21.39 -0.53 -15.27
C LYS A 384 20.97 0.30 -16.48
N ASN A 385 20.08 -0.27 -17.30
CA ASN A 385 19.60 0.40 -18.50
C ASN A 385 18.17 -0.02 -18.86
N LEU A 386 17.24 0.92 -18.72
CA LEU A 386 15.84 0.67 -19.06
C LEU A 386 15.60 0.78 -20.57
N LEU A 387 16.52 1.43 -21.28
CA LEU A 387 16.42 1.57 -22.73
C LEU A 387 16.91 0.32 -23.48
N ASP A 388 17.59 -0.57 -22.75
CA ASP A 388 18.08 -1.82 -23.31
C ASP A 388 16.96 -2.85 -23.42
N ASN A 389 16.52 -3.09 -24.66
CA ASN A 389 15.43 -4.02 -24.95
C ASN A 389 15.71 -5.50 -24.64
N GLU A 390 16.97 -5.84 -24.40
CA GLU A 390 17.32 -7.19 -23.97
C GLU A 390 17.11 -7.38 -22.47
N ILE A 391 16.85 -6.28 -21.77
CA ILE A 391 16.60 -6.28 -20.33
C ILE A 391 15.17 -5.86 -20.00
N TYR A 392 14.70 -4.79 -20.65
CA TYR A 392 13.39 -4.21 -20.34
C TYR A 392 12.64 -3.84 -21.62
N THR A 393 11.46 -4.43 -21.81
CA THR A 393 10.65 -4.15 -23.00
C THR A 393 9.41 -3.34 -22.69
N ILE A 394 8.80 -2.80 -23.74
CA ILE A 394 7.53 -2.08 -23.62
C ILE A 394 6.39 -3.06 -23.36
N GLU A 395 6.44 -4.20 -24.05
CA GLU A 395 5.36 -5.19 -24.00
C GLU A 395 5.37 -6.01 -22.71
N GLU A 396 6.55 -6.49 -22.30
CA GLU A 396 6.65 -7.46 -21.20
C GLU A 396 7.49 -7.01 -20.00
N GLY A 397 8.02 -5.79 -20.04
CA GLY A 397 8.86 -5.28 -18.95
C GLY A 397 10.12 -6.10 -18.76
N PHE A 398 10.33 -6.58 -17.53
CA PHE A 398 11.49 -7.43 -17.22
C PHE A 398 11.26 -8.90 -17.60
N ASN A 399 10.02 -9.34 -17.54
CA ASN A 399 9.69 -10.76 -17.74
C ASN A 399 9.55 -11.15 -19.22
N ILE A 400 10.67 -11.13 -19.93
CA ILE A 400 10.72 -11.38 -21.37
C ILE A 400 10.80 -12.88 -21.68
N SER A 401 9.85 -13.37 -22.45
CA SER A 401 9.70 -14.80 -22.73
C SER A 401 10.82 -15.41 -23.58
N ASP A 402 11.53 -14.58 -24.35
CA ASP A 402 12.66 -15.05 -25.15
C ASP A 402 13.86 -15.41 -24.28
N LYS A 403 13.98 -14.75 -23.13
CA LYS A 403 15.09 -14.98 -22.20
C LYS A 403 14.74 -16.06 -21.16
N ASP A 404 13.56 -16.64 -21.30
CA ASP A 404 12.98 -17.56 -20.28
C ASP A 404 12.80 -16.84 -18.94
N MET A 405 12.29 -15.62 -18.99
CA MET A 405 12.12 -14.80 -17.78
C MET A 405 10.65 -14.56 -17.42
N GLU A 406 9.73 -15.04 -18.26
CA GLU A 406 8.30 -14.81 -18.04
C GLU A 406 7.69 -15.67 -16.92
N LYS A 407 8.10 -16.93 -16.86
CA LYS A 407 7.56 -17.88 -15.88
C LYS A 407 7.84 -17.42 -14.44
N GLU A 408 6.76 -17.30 -13.66
CA GLU A 408 6.82 -16.88 -12.25
C GLU A 408 7.70 -15.67 -11.96
N TYR A 409 7.58 -14.65 -12.82
CA TYR A 409 8.27 -13.36 -12.70
C TYR A 409 9.79 -13.49 -12.45
N ARG A 410 10.43 -14.39 -13.19
CA ARG A 410 11.88 -14.60 -13.09
C ARG A 410 12.69 -13.36 -13.45
N GLY A 411 12.13 -12.51 -14.31
CA GLY A 411 12.76 -11.27 -14.72
C GLY A 411 12.91 -10.25 -13.60
N GLN A 412 12.12 -10.43 -12.54
CA GLN A 412 12.14 -9.54 -11.39
C GLN A 412 12.92 -10.12 -10.20
N ASN A 413 13.22 -11.42 -10.27
CA ASN A 413 13.94 -12.11 -9.21
C ASN A 413 15.40 -11.65 -9.11
N LYS A 414 15.79 -11.21 -7.91
CA LYS A 414 17.14 -10.72 -7.65
C LYS A 414 18.23 -11.77 -7.85
N ALA A 415 17.91 -13.02 -7.56
CA ALA A 415 18.88 -14.11 -7.68
C ALA A 415 19.04 -14.64 -9.11
N ILE A 416 18.05 -14.37 -9.96
CA ILE A 416 18.07 -14.84 -11.34
C ILE A 416 18.51 -13.76 -12.32
N ASN A 417 17.85 -12.60 -12.29
CA ASN A 417 18.15 -11.52 -13.22
C ASN A 417 19.22 -10.56 -12.68
N LYS A 418 20.37 -11.12 -12.34
CA LYS A 418 21.50 -10.40 -11.75
C LYS A 418 21.99 -9.21 -12.60
N GLN A 419 21.94 -9.38 -13.92
CA GLN A 419 22.48 -8.38 -14.85
C GLN A 419 21.58 -7.16 -15.07
N ALA A 420 20.35 -7.21 -14.56
CA ALA A 420 19.39 -6.12 -14.76
C ALA A 420 19.56 -5.00 -13.74
N TYR A 421 20.12 -5.32 -12.58
CA TYR A 421 20.24 -4.34 -11.50
C TYR A 421 21.65 -4.24 -10.91
N GLU A 422 21.90 -3.12 -10.24
CA GLU A 422 23.08 -2.93 -9.41
C GLU A 422 22.64 -2.65 -7.98
N GLU A 423 23.25 -3.35 -7.02
CA GLU A 423 23.01 -3.07 -5.61
C GLU A 423 23.57 -1.69 -5.25
N ILE A 424 23.02 -1.08 -4.22
CA ILE A 424 23.36 0.29 -3.84
C ILE A 424 24.29 0.33 -2.62
N SER A 425 25.26 1.23 -2.66
CA SER A 425 26.19 1.48 -1.55
C SER A 425 25.45 2.03 -0.33
N LYS A 426 25.59 1.35 0.80
CA LYS A 426 24.91 1.73 2.04
C LYS A 426 25.45 3.01 2.68
N GLU A 427 26.54 3.55 2.12
CA GLU A 427 27.07 4.84 2.55
C GLU A 427 26.17 5.99 2.08
N HIS A 428 25.41 5.74 1.01
CA HIS A 428 24.47 6.73 0.47
C HIS A 428 23.02 6.49 0.93
N LEU A 429 22.81 5.41 1.68
CA LEU A 429 21.48 5.08 2.21
C LEU A 429 21.28 5.56 3.64
N ALA A 430 20.19 6.30 3.85
CA ALA A 430 19.79 6.73 5.17
C ALA A 430 18.56 5.94 5.60
N VAL A 431 18.63 5.37 6.80
CA VAL A 431 17.56 4.53 7.35
C VAL A 431 17.26 4.97 8.76
N TYR A 432 15.98 5.12 9.07
CA TYR A 432 15.57 5.42 10.45
C TYR A 432 15.82 4.21 11.34
N LYS A 433 16.66 4.39 12.34
CA LYS A 433 17.11 3.30 13.21
C LYS A 433 16.71 3.52 14.66
N ILE A 434 16.57 2.42 15.38
CA ILE A 434 16.34 2.45 16.82
C ILE A 434 17.49 1.74 17.53
N GLN A 435 18.28 2.51 18.27
CA GLN A 435 19.35 1.95 19.10
C GLN A 435 18.74 1.40 20.40
N MET A 436 18.75 0.08 20.54
CA MET A 436 18.15 -0.60 21.68
C MET A 436 19.21 -1.06 22.67
N CYS A 437 19.04 -0.66 23.93
CA CYS A 437 19.99 -1.00 24.99
C CYS A 437 19.34 -1.86 26.07
N VAL A 438 19.96 -3.00 26.37
CA VAL A 438 19.45 -3.92 27.39
C VAL A 438 20.35 -4.00 28.61
N ASP A 439 19.74 -3.94 29.81
CA ASP A 439 20.45 -4.00 31.07
C ASP A 439 21.01 -5.41 31.32
CA LEU A 477 27.41 -4.66 34.20
C LEU A 477 27.88 -4.61 32.75
N VAL A 478 27.24 -5.41 31.90
CA VAL A 478 27.53 -5.42 30.47
C VAL A 478 26.29 -4.94 29.70
N LEU A 479 26.42 -3.75 29.13
CA LEU A 479 25.34 -3.11 28.40
C LEU A 479 25.53 -3.34 26.90
N GLN A 480 24.49 -3.86 26.24
CA GLN A 480 24.56 -4.25 24.84
C GLN A 480 23.62 -3.43 23.96
N CYS A 481 24.18 -2.82 22.91
CA CYS A 481 23.41 -1.96 22.01
C CYS A 481 23.31 -2.53 20.61
N ILE A 482 22.12 -2.44 20.03
CA ILE A 482 21.85 -2.94 18.68
C ILE A 482 21.12 -1.87 17.88
N ASP A 483 21.63 -1.57 16.68
CA ASP A 483 20.92 -0.73 15.73
C ASP A 483 19.87 -1.58 14.99
N VAL A 484 18.61 -1.22 15.18
CA VAL A 484 17.50 -1.96 14.59
C VAL A 484 16.75 -1.05 13.63
N ASP A 485 16.53 -1.53 12.41
CA ASP A 485 15.74 -0.80 11.42
C ASP A 485 14.33 -0.56 11.92
N ASN A 486 13.77 0.60 11.58
CA ASN A 486 12.36 0.89 11.85
C ASN A 486 11.44 -0.08 11.12
N GLU A 487 11.85 -0.49 9.92
CA GLU A 487 11.10 -1.45 9.09
C GLU A 487 10.94 -2.83 9.72
N ASP A 488 11.90 -3.21 10.55
CA ASP A 488 11.89 -4.52 11.20
C ASP A 488 11.10 -4.51 12.51
N LEU A 489 10.38 -3.42 12.77
CA LEU A 489 9.53 -3.31 13.95
C LEU A 489 8.07 -3.67 13.63
N PHE A 490 7.32 -4.03 14.67
CA PHE A 490 5.91 -4.43 14.55
C PHE A 490 5.02 -3.23 14.26
N PHE A 491 4.22 -3.32 13.21
CA PHE A 491 3.20 -2.31 12.98
C PHE A 491 1.92 -2.70 13.70
N ILE A 492 1.46 -1.80 14.57
CA ILE A 492 0.26 -2.01 15.35
C ILE A 492 -0.56 -0.72 15.30
N ALA A 493 -1.73 -0.79 14.68
CA ALA A 493 -2.61 0.36 14.55
C ALA A 493 -3.15 0.80 15.91
N ASP A 494 -3.12 2.10 16.16
CA ASP A 494 -3.63 2.67 17.39
C ASP A 494 -5.15 2.55 17.42
N LYS A 495 -5.72 2.68 18.62
CA LYS A 495 -7.17 2.56 18.82
C LYS A 495 -7.93 3.64 18.06
N ASN A 496 -7.36 4.85 18.01
CA ASN A 496 -7.97 6.00 17.34
C ASN A 496 -8.01 5.90 15.81
N SER A 497 -7.54 4.79 15.26
CA SER A 497 -7.55 4.56 13.81
C SER A 497 -8.94 4.17 13.32
N PHE A 498 -9.77 3.64 14.21
CA PHE A 498 -11.02 3.00 13.83
C PHE A 498 -12.26 3.77 14.31
N SER A 499 -13.28 3.79 13.46
CA SER A 499 -14.48 4.59 13.66
C SER A 499 -15.42 4.03 14.72
N ASP A 500 -16.17 4.92 15.37
CA ASP A 500 -17.12 4.56 16.41
C ASP A 500 -18.55 4.85 15.96
N ASP A 501 -18.73 5.02 14.64
CA ASP A 501 -20.02 5.36 14.04
C ASP A 501 -21.13 4.34 14.31
N LEU A 502 -20.75 3.12 14.69
CA LEU A 502 -21.69 2.06 15.01
C LEU A 502 -22.47 2.32 16.30
N SER A 503 -21.90 3.15 17.17
CA SER A 503 -22.51 3.49 18.46
C SER A 503 -23.57 4.59 18.36
N LYS A 504 -23.62 5.26 17.20
CA LYS A 504 -24.59 6.34 16.97
C LYS A 504 -25.99 5.78 16.68
N ASN A 505 -27.00 6.56 17.04
CA ASN A 505 -28.40 6.19 16.81
C ASN A 505 -28.76 6.19 15.32
N GLU A 506 -29.91 5.62 15.00
CA GLU A 506 -30.38 5.57 13.62
C GLU A 506 -31.82 6.02 13.47
N ARG A 507 -32.05 7.00 12.60
CA ARG A 507 -33.41 7.40 12.24
C ARG A 507 -33.94 6.50 11.14
N ILE A 508 -34.89 5.65 11.49
CA ILE A 508 -35.52 4.77 10.51
C ILE A 508 -36.83 5.39 10.04
N GLU A 509 -36.85 5.80 8.78
CA GLU A 509 -38.02 6.38 8.15
C GLU A 509 -38.51 5.47 7.02
N TYR A 510 -39.55 5.89 6.31
CA TYR A 510 -40.14 5.06 5.25
C TYR A 510 -39.21 4.91 4.03
N ASN A 511 -38.32 5.89 3.83
CA ASN A 511 -37.39 5.88 2.71
C ASN A 511 -35.93 5.66 3.10
N THR A 512 -35.71 5.22 4.34
CA THR A 512 -34.36 4.91 4.83
C THR A 512 -33.73 3.80 3.99
N GLN A 513 -32.61 4.13 3.35
CA GLN A 513 -31.90 3.20 2.49
C GLN A 513 -30.57 2.77 3.10
N SER A 514 -30.33 1.45 3.13
CA SER A 514 -29.13 0.89 3.71
C SER A 514 -28.11 0.59 2.62
N ASN A 515 -26.83 0.78 2.94
CA ASN A 515 -25.76 0.66 1.95
C ASN A 515 -24.71 -0.37 2.30
N TYR A 516 -24.26 -1.10 1.29
CA TYR A 516 -23.01 -1.84 1.35
C TYR A 516 -22.12 -1.34 0.22
N ILE A 517 -20.91 -0.91 0.57
CA ILE A 517 -19.92 -0.52 -0.42
C ILE A 517 -18.83 -1.58 -0.47
N GLU A 518 -18.80 -2.33 -1.55
CA GLU A 518 -17.89 -3.45 -1.71
C GLU A 518 -16.49 -2.97 -2.06
N ASN A 519 -15.49 -3.46 -1.31
CA ASN A 519 -14.09 -3.15 -1.58
C ASN A 519 -13.56 -4.00 -2.74
N ASP A 520 -14.38 -4.12 -3.78
CA ASP A 520 -14.08 -4.96 -4.93
C ASP A 520 -14.80 -4.43 -6.17
N PHE A 521 -14.20 -4.67 -7.34
CA PHE A 521 -14.77 -4.27 -8.62
C PHE A 521 -14.18 -5.17 -9.71
N PRO A 522 -15.03 -5.95 -10.40
CA PRO A 522 -14.59 -6.87 -11.46
C PRO A 522 -13.82 -6.14 -12.56
N ILE A 523 -12.55 -6.53 -12.74
CA ILE A 523 -11.61 -5.81 -13.61
C ILE A 523 -11.97 -5.86 -15.10
N ASN A 524 -12.56 -6.97 -15.55
CA ASN A 524 -12.97 -7.14 -16.93
C ASN A 524 -14.09 -6.19 -17.34
N GLU A 525 -14.95 -5.83 -16.38
CA GLU A 525 -16.01 -4.86 -16.59
C GLU A 525 -15.45 -3.45 -16.81
N LEU A 526 -14.34 -3.15 -16.12
CA LEU A 526 -13.68 -1.85 -16.24
C LEU A 526 -13.01 -1.68 -17.61
N ILE A 527 -12.42 -2.76 -18.12
CA ILE A 527 -11.74 -2.76 -19.41
C ILE A 527 -12.71 -2.55 -20.57
N LEU A 528 -13.90 -3.15 -20.45
CA LEU A 528 -14.89 -3.15 -21.53
C LEU A 528 -15.97 -2.06 -21.42
N ASP A 529 -15.91 -1.25 -20.36
CA ASP A 529 -16.93 -0.22 -20.13
C ASP A 529 -16.79 0.98 -21.07
N THR A 530 -17.91 1.39 -21.65
CA THR A 530 -17.95 2.48 -22.62
C THR A 530 -18.26 3.83 -21.95
N ASP A 531 -19.07 3.77 -20.90
CA ASP A 531 -19.54 4.97 -20.21
C ASP A 531 -18.43 5.82 -19.61
N LEU A 532 -17.30 5.19 -19.28
CA LEU A 532 -16.16 5.88 -18.69
C LEU A 532 -15.26 6.56 -19.73
N ILE A 533 -15.36 6.11 -20.98
CA ILE A 533 -14.62 6.71 -22.10
C ILE A 533 -15.18 8.09 -22.41
N SER A 534 -14.29 9.06 -22.57
CA SER A 534 -14.64 10.45 -22.83
C SER A 534 -15.33 10.62 -24.20
N LYS A 535 -16.45 11.34 -24.20
CA LYS A 535 -17.22 11.58 -25.42
C LYS A 535 -16.95 12.96 -26.01
N ILE A 536 -17.08 13.99 -25.18
CA ILE A 536 -16.85 15.38 -25.60
C ILE A 536 -15.36 15.64 -25.80
N GLU A 537 -15.02 16.21 -26.95
CA GLU A 537 -13.63 16.49 -27.30
C GLU A 537 -12.98 17.49 -26.34
N LEU A 538 -11.67 17.35 -26.17
CA LEU A 538 -10.88 18.20 -25.28
C LEU A 538 -10.80 19.64 -25.80
N PRO A 539 -11.05 20.64 -24.92
CA PRO A 539 -10.90 22.04 -25.31
C PRO A 539 -9.43 22.44 -25.47
N SER A 540 -9.19 23.54 -26.18
CA SER A 540 -7.83 24.04 -26.41
C SER A 540 -7.18 24.47 -25.10
N GLU A 541 -5.88 24.21 -24.98
CA GLU A 541 -5.15 24.50 -23.74
C GLU A 541 -4.85 25.99 -23.54
N ASN A 542 -4.92 26.77 -24.62
CA ASN A 542 -4.60 28.19 -24.58
C ASN A 542 -5.64 29.03 -23.83
N THR A 543 -5.15 29.90 -22.95
CA THR A 543 -6.00 30.82 -22.17
C THR A 543 -5.20 32.04 -21.70
N GLU A 544 -5.84 32.88 -20.88
CA GLU A 544 -5.20 34.06 -20.29
C GLU A 544 -4.10 33.70 -19.30
N SER A 545 -3.14 34.61 -19.14
CA SER A 545 -2.02 34.42 -18.21
C SER A 545 -2.48 34.48 -16.76
N LEU A 546 -1.74 33.78 -15.89
CA LEU A 546 -2.03 33.77 -14.47
C LEU A 546 -1.46 35.02 -13.79
N THR A 547 -2.31 35.69 -13.01
CA THR A 547 -1.90 36.89 -12.26
C THR A 547 -1.98 36.64 -10.76
N ASP A 548 -2.90 35.77 -10.36
CA ASP A 548 -3.04 35.37 -8.96
C ASP A 548 -2.14 34.17 -8.66
N PHE A 549 -1.07 34.42 -7.92
CA PHE A 549 -0.10 33.36 -7.60
C PHE A 549 -0.25 32.83 -6.17
N ASN A 550 -1.40 33.08 -5.56
CA ASN A 550 -1.67 32.57 -4.20
C ASN A 550 -1.65 31.04 -4.15
N VAL A 551 -0.65 30.50 -3.45
CA VAL A 551 -0.46 29.06 -3.32
C VAL A 551 0.21 28.71 -1.98
N ASP A 552 -0.20 27.59 -1.39
CA ASP A 552 0.46 27.04 -0.21
C ASP A 552 1.51 26.03 -0.65
N VAL A 553 2.78 26.38 -0.47
CA VAL A 553 3.89 25.48 -0.80
C VAL A 553 4.29 24.72 0.45
N PRO A 554 4.36 23.37 0.37
CA PRO A 554 4.79 22.56 1.51
C PRO A 554 6.25 22.80 1.87
N VAL A 555 6.60 22.64 3.14
CA VAL A 555 7.99 22.78 3.60
C VAL A 555 8.46 21.47 4.21
N TYR A 556 9.62 20.97 3.74
CA TYR A 556 10.19 19.73 4.23
C TYR A 556 11.46 19.96 5.02
N GLU A 557 11.54 19.35 6.21
CA GLU A 557 12.79 19.33 6.95
C GLU A 557 13.12 17.94 7.48
N LYS A 558 14.41 17.63 7.54
CA LYS A 558 14.89 16.36 8.05
C LYS A 558 14.75 16.28 9.57
N GLN A 559 14.55 15.06 10.05
CA GLN A 559 14.61 14.75 11.47
C GLN A 559 15.75 13.75 11.68
N PRO A 560 16.34 13.71 12.90
CA PRO A 560 17.38 12.72 13.18
C PRO A 560 16.94 11.29 12.84
N ALA A 561 17.86 10.50 12.31
CA ALA A 561 17.57 9.15 11.83
C ALA A 561 17.80 8.07 12.88
N ILE A 562 18.20 8.48 14.09
CA ILE A 562 18.46 7.55 15.18
C ILE A 562 17.64 7.92 16.42
N LYS A 563 17.13 6.90 17.11
CA LYS A 563 16.48 7.09 18.40
C LYS A 563 16.95 6.03 19.38
N LYS A 564 17.38 6.49 20.56
CA LYS A 564 17.87 5.58 21.61
C LYS A 564 16.79 5.20 22.62
N ILE A 565 16.52 3.90 22.73
CA ILE A 565 15.58 3.38 23.73
C ILE A 565 16.27 2.48 24.75
N PHE A 566 15.65 2.38 25.93
CA PHE A 566 16.17 1.62 27.05
C PHE A 566 15.13 0.61 27.50
N THR A 567 15.56 -0.62 27.74
CA THR A 567 14.63 -1.72 28.05
C THR A 567 15.29 -2.85 28.83
N ASP A 568 14.46 -3.68 29.45
CA ASP A 568 14.92 -4.82 30.26
C ASP A 568 14.87 -6.15 29.51
N GLU A 569 14.03 -6.20 28.47
CA GLU A 569 13.68 -7.44 27.79
C GLU A 569 14.56 -7.72 26.57
N ASN A 570 15.13 -8.93 26.53
CA ASN A 570 15.73 -9.47 25.32
C ASN A 570 14.66 -10.21 24.51
N THR A 571 14.19 -9.58 23.43
CA THR A 571 13.19 -10.20 22.54
C THR A 571 13.79 -10.51 21.16
N ILE A 572 12.96 -10.46 20.11
CA ILE A 572 13.37 -10.93 18.77
C ILE A 572 14.60 -10.24 18.19
N PHE A 573 14.66 -8.92 18.35
CA PHE A 573 15.75 -8.11 17.80
C PHE A 573 17.07 -8.56 18.37
N GLN A 574 17.09 -8.86 19.66
CA GLN A 574 18.26 -9.38 20.35
C GLN A 574 18.58 -10.81 19.91
N TYR A 575 17.53 -11.62 19.78
CA TYR A 575 17.67 -13.03 19.41
C TYR A 575 18.12 -13.22 17.98
N LEU A 576 17.70 -12.32 17.09
CA LEU A 576 18.14 -12.33 15.69
C LEU A 576 19.60 -11.88 15.57
N TYR A 577 19.95 -10.85 16.33
CA TYR A 577 21.32 -10.33 16.35
C TYR A 577 22.32 -11.35 16.89
N SER A 578 21.93 -12.11 17.91
CA SER A 578 22.78 -13.14 18.51
C SER A 578 23.09 -14.28 17.54
N GLN A 579 22.45 -14.26 16.37
CA GLN A 579 22.71 -15.22 15.31
C GLN A 579 23.60 -14.63 14.20
N THR A 580 24.08 -13.41 14.42
CA THR A 580 25.03 -12.77 13.50
C THR A 580 26.46 -12.78 14.04
N PHE A 581 27.42 -12.62 13.13
CA PHE A 581 28.83 -12.52 13.47
C PHE A 581 29.49 -11.39 12.68
N PRO A 582 30.56 -10.79 13.22
CA PRO A 582 31.30 -9.76 12.49
C PRO A 582 32.11 -10.37 11.35
N LEU A 583 32.43 -9.56 10.34
CA LEU A 583 33.09 -10.06 9.13
C LEU A 583 34.54 -10.49 9.33
N ASP A 584 35.19 -9.96 10.37
CA ASP A 584 36.60 -10.25 10.67
C ASP A 584 36.83 -11.54 11.47
N ILE A 585 35.76 -12.06 12.09
CA ILE A 585 35.87 -13.27 12.92
C ILE A 585 35.93 -14.52 12.05
N ARG A 586 36.92 -15.37 12.32
CA ARG A 586 37.22 -16.52 11.45
C ARG A 586 36.68 -17.86 11.95
N ASP A 587 36.95 -18.20 13.21
CA ASP A 587 36.58 -19.51 13.76
C ASP A 587 35.34 -19.43 14.65
N ILE A 588 34.17 -19.26 14.03
CA ILE A 588 32.91 -19.19 14.76
C ILE A 588 32.39 -20.59 15.13
N SER A 589 31.69 -20.68 16.26
CA SER A 589 31.05 -21.93 16.66
C SER A 589 29.65 -21.69 17.22
N LEU A 590 28.77 -22.67 17.01
CA LEU A 590 27.37 -22.57 17.41
C LEU A 590 27.17 -22.87 18.89
N THR A 591 26.09 -22.31 19.45
CA THR A 591 25.76 -22.47 20.86
C THR A 591 24.25 -22.37 21.08
N SER A 592 23.74 -23.17 22.02
CA SER A 592 22.33 -23.10 22.41
C SER A 592 22.14 -22.07 23.52
N SER A 593 23.25 -21.48 23.96
CA SER A 593 23.22 -20.43 24.99
C SER A 593 23.15 -19.04 24.37
N PHE A 594 22.02 -18.37 24.62
CA PHE A 594 21.80 -17.01 24.14
C PHE A 594 22.75 -16.00 24.78
N ASP A 595 22.95 -16.12 26.09
CA ASP A 595 23.86 -15.23 26.82
C ASP A 595 25.30 -15.32 26.31
N ASP A 596 25.76 -16.54 26.04
CA ASP A 596 27.10 -16.77 25.52
C ASP A 596 27.26 -16.21 24.11
N ALA A 597 26.20 -16.28 23.31
CA ALA A 597 26.23 -15.75 21.94
C ALA A 597 26.32 -14.22 21.91
N LEU A 598 25.59 -13.55 22.80
CA LEU A 598 25.63 -12.10 22.91
C LEU A 598 26.97 -11.60 23.41
N LEU A 599 27.62 -12.39 24.26
CA LEU A 599 28.86 -11.98 24.90
C LEU A 599 30.10 -12.31 24.07
N PHE A 600 30.10 -13.49 23.44
CA PHE A 600 31.24 -13.94 22.64
C PHE A 600 30.98 -13.72 21.15
N SER A 601 31.89 -12.99 20.50
CA SER A 601 31.76 -12.65 19.10
C SER A 601 32.14 -13.79 18.17
N ASN A 602 32.80 -14.82 18.72
CA ASN A 602 33.06 -16.06 17.98
C ASN A 602 31.98 -17.12 18.27
N LYS A 603 30.98 -16.72 19.05
CA LYS A 603 29.84 -17.59 19.34
C LYS A 603 28.55 -17.08 18.70
N VAL A 604 27.87 -17.99 18.01
CA VAL A 604 26.64 -17.68 17.28
C VAL A 604 25.52 -18.56 17.83
N TYR A 605 24.39 -17.93 18.17
CA TYR A 605 23.24 -18.65 18.73
C TYR A 605 22.54 -19.49 17.68
N SER A 606 22.23 -20.73 18.04
CA SER A 606 21.45 -21.63 17.20
C SER A 606 20.25 -22.15 17.97
N PHE A 607 19.12 -22.25 17.27
CA PHE A 607 17.88 -22.71 17.87
C PHE A 607 17.53 -24.16 17.49
N PHE A 608 18.41 -24.80 16.74
CA PHE A 608 18.25 -26.21 16.42
C PHE A 608 18.70 -27.10 17.58
N SER A 609 18.56 -28.41 17.42
CA SER A 609 18.79 -29.39 18.49
C SER A 609 20.23 -29.42 19.01
N MET A 610 20.41 -30.11 20.13
CA MET A 610 21.73 -30.32 20.74
C MET A 610 22.65 -31.12 19.82
N ASP A 611 22.09 -32.11 19.13
CA ASP A 611 22.87 -32.96 18.22
C ASP A 611 23.39 -32.18 17.02
N TYR A 612 22.55 -31.29 16.49
CA TYR A 612 22.94 -30.44 15.36
C TYR A 612 24.11 -29.54 15.73
N ILE A 613 24.04 -28.92 16.91
CA ILE A 613 25.07 -27.98 17.37
C ILE A 613 26.44 -28.65 17.54
N LYS A 614 26.45 -29.81 18.21
CA LYS A 614 27.69 -30.54 18.44
C LYS A 614 28.27 -31.18 17.18
N THR A 615 27.40 -31.48 16.21
CA THR A 615 27.86 -31.99 14.92
C THR A 615 28.49 -30.87 14.09
N ALA A 616 27.93 -29.67 14.20
CA ALA A 616 28.42 -28.51 13.45
C ALA A 616 29.76 -28.01 13.97
N ASN A 617 30.02 -28.23 15.26
CA ASN A 617 31.26 -27.80 15.89
C ASN A 617 32.35 -28.88 15.86
N LYS A 618 32.16 -29.89 15.02
CA LYS A 618 33.04 -31.06 14.99
C LYS A 618 34.18 -30.90 13.99
N VAL A 619 35.40 -31.18 14.46
CA VAL A 619 36.60 -31.09 13.64
C VAL A 619 37.04 -32.51 13.27
N VAL A 620 37.06 -32.79 11.97
CA VAL A 620 37.44 -34.12 11.47
C VAL A 620 38.68 -34.07 10.60
N GLU A 621 39.26 -35.24 10.34
CA GLU A 621 40.35 -35.38 9.37
C GLU A 621 39.82 -35.18 7.96
N ALA A 622 40.68 -34.70 7.07
CA ALA A 622 40.29 -34.34 5.69
C ALA A 622 39.54 -35.44 4.92
N GLY A 623 39.85 -36.69 5.25
CA GLY A 623 39.28 -37.85 4.56
C GLY A 623 37.79 -38.05 4.80
N LEU A 624 37.31 -37.62 5.97
CA LEU A 624 35.91 -37.77 6.34
C LEU A 624 35.11 -36.46 6.21
N PHE A 625 35.76 -35.42 5.69
CA PHE A 625 35.16 -34.09 5.55
C PHE A 625 33.93 -34.07 4.64
N ALA A 626 34.07 -34.63 3.43
CA ALA A 626 32.95 -34.73 2.48
C ALA A 626 31.71 -35.37 3.11
N GLY A 627 31.93 -36.45 3.84
CA GLY A 627 30.87 -37.13 4.59
C GLY A 627 30.24 -36.24 5.63
N TRP A 628 31.07 -35.44 6.31
CA TRP A 628 30.59 -34.53 7.34
C TRP A 628 29.75 -33.40 6.75
N VAL A 629 30.19 -32.85 5.62
CA VAL A 629 29.45 -31.81 4.91
C VAL A 629 28.10 -32.35 4.45
N LYS A 630 28.09 -33.56 3.91
CA LYS A 630 26.87 -34.22 3.49
C LYS A 630 25.93 -34.46 4.68
N GLN A 631 26.50 -34.85 5.82
CA GLN A 631 25.74 -35.10 7.03
C GLN A 631 25.13 -33.84 7.63
N ILE A 632 25.96 -32.83 7.85
CA ILE A 632 25.52 -31.58 8.50
C ILE A 632 24.50 -30.79 7.66
N VAL A 633 24.65 -30.82 6.34
CA VAL A 633 23.70 -30.15 5.46
C VAL A 633 22.36 -30.88 5.49
N ASN A 634 22.41 -32.21 5.43
CA ASN A 634 21.21 -33.03 5.57
C ASN A 634 20.51 -32.83 6.92
N ASP A 635 21.31 -32.71 7.98
CA ASP A 635 20.79 -32.46 9.32
C ASP A 635 20.09 -31.10 9.41
N PHE A 636 20.64 -30.09 8.73
CA PHE A 636 20.03 -28.75 8.68
C PHE A 636 18.62 -28.80 8.08
N VAL A 637 18.48 -29.54 6.98
CA VAL A 637 17.21 -29.71 6.29
C VAL A 637 16.18 -30.46 7.14
N ILE A 638 16.61 -31.52 7.81
CA ILE A 638 15.78 -32.27 8.76
C ILE A 638 15.33 -31.39 9.94
N GLU A 639 16.26 -30.61 10.48
CA GLU A 639 16.00 -29.72 11.62
C GLU A 639 15.04 -28.59 11.25
N ALA A 640 15.17 -28.06 10.04
CA ALA A 640 14.32 -26.97 9.58
C ALA A 640 12.91 -27.45 9.24
N ASN A 641 12.81 -28.69 8.79
CA ASN A 641 11.52 -29.29 8.40
C ASN A 641 10.73 -29.87 9.58
N LYS A 642 11.26 -29.74 10.79
CA LYS A 642 10.59 -30.26 11.99
C LYS A 642 9.22 -29.64 12.21
N SER A 643 8.20 -30.49 12.21
CA SER A 643 6.81 -30.09 12.40
C SER A 643 6.01 -31.29 12.85
N ASN A 644 5.84 -31.44 14.16
CA ASN A 644 5.02 -32.50 14.73
C ASN A 644 3.54 -32.16 14.71
N THR A 645 2.70 -33.19 14.80
CA THR A 645 1.25 -33.02 14.71
C THR A 645 0.53 -33.47 15.98
N ASP A 651 -5.40 -28.13 18.18
CA ASP A 651 -5.12 -29.43 17.55
C ASP A 651 -5.17 -29.35 16.02
N ILE A 652 -5.30 -28.13 15.48
CA ILE A 652 -5.43 -27.93 14.03
C ILE A 652 -4.08 -27.66 13.34
N SER A 653 -3.99 -28.12 12.08
CA SER A 653 -2.80 -27.96 11.24
C SER A 653 -1.51 -28.50 11.88
N LEU A 654 -0.36 -28.03 11.41
CA LEU A 654 0.93 -28.45 11.96
C LEU A 654 1.65 -27.33 12.72
N ILE A 655 2.32 -27.70 13.80
CA ILE A 655 3.07 -26.73 14.61
C ILE A 655 4.58 -26.88 14.42
N VAL A 656 5.25 -25.75 14.18
CA VAL A 656 6.71 -25.72 14.12
C VAL A 656 7.23 -25.35 15.50
N PRO A 657 8.00 -26.27 16.13
CA PRO A 657 8.34 -26.16 17.55
C PRO A 657 9.54 -25.27 17.91
N TYR A 658 10.40 -24.96 16.95
CA TYR A 658 11.62 -24.18 17.24
C TYR A 658 11.43 -22.65 17.18
N ILE A 659 10.22 -22.21 16.84
CA ILE A 659 9.89 -20.78 16.73
C ILE A 659 10.17 -20.00 18.02
N GLY A 660 9.81 -20.59 19.16
CA GLY A 660 10.04 -19.98 20.46
C GLY A 660 11.51 -19.73 20.77
N LEU A 661 12.34 -20.74 20.52
CA LEU A 661 13.79 -20.65 20.74
C LEU A 661 14.45 -19.69 19.75
N ALA A 662 13.91 -19.60 18.55
CA ALA A 662 14.44 -18.77 17.49
C ALA A 662 14.26 -17.28 17.75
N LEU A 663 13.11 -16.89 18.32
CA LEU A 663 12.74 -15.48 18.43
C LEU A 663 12.53 -14.96 19.84
N ASN A 664 12.07 -15.82 20.75
CA ASN A 664 11.64 -15.37 22.09
C ASN A 664 10.56 -14.28 21.96
N VAL A 665 9.69 -14.45 20.97
CA VAL A 665 8.67 -13.47 20.64
C VAL A 665 7.49 -13.58 21.61
N GLY A 666 6.83 -12.46 21.86
CA GLY A 666 5.64 -12.43 22.69
C GLY A 666 5.89 -12.79 24.12
N ASN A 667 5.28 -13.90 24.54
CA ASN A 667 5.24 -14.29 25.93
C ASN A 667 6.39 -15.22 26.32
N GLU A 668 7.61 -14.70 26.24
CA GLU A 668 8.83 -15.38 26.70
C GLU A 668 8.91 -16.83 26.17
N THR A 669 8.71 -16.96 24.85
CA THR A 669 8.53 -18.27 24.21
C THR A 669 9.80 -19.13 24.10
N ALA A 670 10.96 -18.53 24.36
CA ALA A 670 12.22 -19.27 24.36
C ALA A 670 12.42 -20.11 25.62
N LYS A 671 11.65 -19.80 26.66
CA LYS A 671 11.82 -20.44 27.97
C LYS A 671 10.75 -21.51 28.23
N GLY A 672 11.21 -22.69 28.64
CA GLY A 672 10.32 -23.82 28.90
C GLY A 672 10.18 -24.71 27.67
N ASN A 673 8.94 -24.94 27.26
CA ASN A 673 8.65 -25.70 26.05
C ASN A 673 7.54 -25.00 25.25
N PHE A 674 7.85 -24.66 24.01
CA PHE A 674 6.93 -23.89 23.16
C PHE A 674 5.65 -24.64 22.81
N GLU A 675 5.77 -25.93 22.49
CA GLU A 675 4.61 -26.76 22.16
C GLU A 675 3.60 -26.82 23.30
N ASN A 676 4.09 -27.08 24.51
CA ASN A 676 3.25 -27.09 25.71
C ASN A 676 2.60 -25.74 25.97
N ALA A 677 3.37 -24.67 25.85
CA ALA A 677 2.88 -23.32 26.09
C ALA A 677 1.79 -22.93 25.10
N PHE A 678 1.95 -23.40 23.86
CA PHE A 678 0.95 -23.18 22.82
C PHE A 678 -0.30 -24.02 23.04
N GLU A 679 -0.10 -25.27 23.44
CA GLU A 679 -1.19 -26.22 23.67
C GLU A 679 -2.18 -25.72 24.72
N ILE A 680 -1.70 -24.91 25.66
CA ILE A 680 -2.54 -24.34 26.71
C ILE A 680 -3.23 -23.04 26.25
N ALA A 681 -2.44 -22.08 25.77
CA ALA A 681 -2.95 -20.75 25.46
C ALA A 681 -3.26 -20.53 23.97
N GLY A 682 -2.35 -20.97 23.11
CA GLY A 682 -2.51 -20.81 21.66
C GLY A 682 -1.92 -19.54 21.10
N ALA A 683 -2.55 -19.00 20.06
CA ALA A 683 -2.05 -17.86 19.29
C ALA A 683 -1.56 -16.68 20.13
N SER A 684 -2.13 -16.52 21.32
CA SER A 684 -1.81 -15.41 22.22
C SER A 684 -0.34 -15.32 22.59
N ILE A 685 0.29 -16.46 22.91
CA ILE A 685 1.67 -16.46 23.42
C ILE A 685 2.70 -15.87 22.45
N LEU A 686 2.36 -15.87 21.15
CA LEU A 686 3.25 -15.36 20.12
C LEU A 686 3.12 -13.84 19.94
N LEU A 687 2.04 -13.27 20.47
CA LEU A 687 1.80 -11.84 20.33
C LEU A 687 2.63 -11.01 21.29
N GLU A 688 3.38 -10.06 20.74
CA GLU A 688 4.21 -9.16 21.53
C GLU A 688 3.34 -8.15 22.27
N PHE A 689 2.12 -7.96 21.79
CA PHE A 689 1.19 -6.98 22.33
C PHE A 689 -0.25 -7.43 22.07
N ILE A 690 -1.02 -7.55 23.15
CA ILE A 690 -2.44 -7.84 23.07
C ILE A 690 -3.18 -6.51 22.95
N PRO A 691 -3.82 -6.28 21.79
CA PRO A 691 -4.48 -5.00 21.54
C PRO A 691 -5.82 -4.86 22.27
N GLU A 692 -6.19 -3.62 22.56
CA GLU A 692 -7.53 -3.33 23.05
C GLU A 692 -8.48 -3.27 21.87
N LEU A 693 -9.44 -4.18 21.85
CA LEU A 693 -10.44 -4.23 20.79
C LEU A 693 -11.50 -3.15 20.93
N LEU A 694 -11.85 -2.55 19.81
CA LEU A 694 -12.97 -1.64 19.75
C LEU A 694 -14.22 -2.42 19.34
N ILE A 695 -15.10 -2.66 20.30
CA ILE A 695 -16.43 -3.22 20.03
C ILE A 695 -17.48 -2.26 20.59
N PRO A 696 -17.99 -1.35 19.75
CA PRO A 696 -19.02 -0.40 20.17
C PRO A 696 -20.34 -1.10 20.48
N VAL A 697 -21.09 -0.54 21.42
CA VAL A 697 -22.47 -0.93 21.61
C VAL A 697 -23.24 -0.28 20.46
N VAL A 698 -24.02 -1.08 19.73
CA VAL A 698 -24.76 -0.59 18.57
C VAL A 698 -25.88 0.36 18.99
N GLY A 699 -25.90 1.55 18.38
CA GLY A 699 -26.88 2.57 18.68
C GLY A 699 -28.31 2.14 18.46
N ALA A 700 -29.22 2.64 19.29
CA ALA A 700 -30.64 2.32 19.21
C ALA A 700 -31.28 2.90 17.95
N PHE A 701 -32.23 2.16 17.40
CA PHE A 701 -33.02 2.61 16.26
C PHE A 701 -34.19 3.43 16.75
N LEU A 702 -34.36 4.62 16.19
CA LEU A 702 -35.51 5.46 16.46
C LEU A 702 -36.45 5.37 15.27
N LEU A 703 -37.61 4.77 15.51
CA LEU A 703 -38.58 4.48 14.46
C LEU A 703 -39.64 5.58 14.33
N GLU A 704 -39.83 6.06 13.12
CA GLU A 704 -40.78 7.12 12.82
C GLU A 704 -42.21 6.58 12.84
N SER A 705 -43.15 7.40 13.29
CA SER A 705 -44.57 7.05 13.31
C SER A 705 -45.30 7.66 12.12
N TYR A 706 -46.20 6.87 11.53
CA TYR A 706 -47.00 7.32 10.39
C TYR A 706 -48.48 7.00 10.58
N ILE A 707 -49.17 7.87 11.32
CA ILE A 707 -50.61 7.74 11.56
C ILE A 707 -51.42 7.82 10.26
N ASP A 708 -52.36 6.89 10.11
CA ASP A 708 -53.20 6.76 8.91
C ASP A 708 -52.35 6.63 7.63
N ASN A 709 -51.34 5.76 7.70
CA ASN A 709 -50.55 5.37 6.54
C ASN A 709 -49.90 4.01 6.79
N LYS A 710 -50.61 2.96 6.36
CA LYS A 710 -50.22 1.57 6.59
C LYS A 710 -48.88 1.24 5.92
N ASN A 711 -48.76 1.63 4.66
CA ASN A 711 -47.59 1.29 3.84
C ASN A 711 -46.29 1.81 4.42
N LYS A 712 -46.33 3.03 4.95
CA LYS A 712 -45.14 3.67 5.52
C LYS A 712 -44.75 3.08 6.88
N ILE A 713 -45.70 2.42 7.54
CA ILE A 713 -45.42 1.68 8.77
C ILE A 713 -44.70 0.37 8.43
N ILE A 714 -45.21 -0.33 7.41
CA ILE A 714 -44.64 -1.60 6.96
C ILE A 714 -43.24 -1.42 6.37
N LYS A 715 -43.05 -0.35 5.60
CA LYS A 715 -41.74 -0.02 5.01
C LYS A 715 -40.68 0.28 6.08
N THR A 716 -41.09 0.98 7.13
CA THR A 716 -40.20 1.33 8.25
C THR A 716 -39.72 0.10 9.00
N ILE A 717 -40.63 -0.83 9.30
CA ILE A 717 -40.28 -2.11 9.91
C ILE A 717 -39.29 -2.88 9.04
N ASP A 718 -39.54 -2.86 7.72
CA ASP A 718 -38.66 -3.51 6.75
C ASP A 718 -37.29 -2.83 6.68
N ASN A 719 -37.29 -1.50 6.59
CA ASN A 719 -36.04 -0.73 6.56
C ASN A 719 -35.20 -0.89 7.82
N ALA A 720 -35.85 -1.07 8.96
CA ALA A 720 -35.17 -1.32 10.22
C ALA A 720 -34.47 -2.68 10.24
N LEU A 721 -35.13 -3.68 9.65
CA LEU A 721 -34.56 -5.03 9.56
C LEU A 721 -33.40 -5.12 8.58
N THR A 722 -33.46 -4.36 7.49
CA THR A 722 -32.35 -4.28 6.54
C THR A 722 -31.18 -3.48 7.12
N LYS A 723 -31.49 -2.49 7.95
CA LYS A 723 -30.47 -1.70 8.64
C LYS A 723 -29.77 -2.52 9.73
N ARG A 724 -30.48 -3.51 10.27
CA ARG A 724 -29.88 -4.45 11.23
C ARG A 724 -28.79 -5.28 10.55
N ASN A 725 -29.07 -5.75 9.33
CA ASN A 725 -28.10 -6.49 8.52
C ASN A 725 -26.87 -5.66 8.20
N GLU A 726 -27.06 -4.37 7.94
CA GLU A 726 -25.98 -3.43 7.68
C GLU A 726 -25.05 -3.34 8.89
N LYS A 727 -25.62 -3.22 10.09
CA LYS A 727 -24.85 -3.08 11.33
C LYS A 727 -24.06 -4.33 11.67
N TRP A 728 -24.63 -5.51 11.38
CA TRP A 728 -23.91 -6.77 11.54
C TRP A 728 -22.70 -6.80 10.62
N SER A 729 -22.92 -6.50 9.35
CA SER A 729 -21.87 -6.47 8.34
C SER A 729 -20.78 -5.47 8.69
N ASP A 730 -21.19 -4.28 9.15
CA ASP A 730 -20.26 -3.24 9.58
C ASP A 730 -19.42 -3.66 10.78
N MET A 731 -20.05 -4.32 11.75
CA MET A 731 -19.36 -4.81 12.95
C MET A 731 -18.28 -5.81 12.58
N TYR A 732 -18.63 -6.77 11.72
CA TYR A 732 -17.67 -7.74 11.18
C TYR A 732 -16.51 -7.03 10.50
N GLY A 733 -16.83 -5.98 9.73
CA GLY A 733 -15.82 -5.18 9.03
C GLY A 733 -14.91 -4.40 9.97
N LEU A 734 -15.46 -3.98 11.10
CA LEU A 734 -14.68 -3.30 12.13
C LEU A 734 -13.71 -4.24 12.84
N ILE A 735 -14.15 -5.48 13.10
CA ILE A 735 -13.30 -6.50 13.72
C ILE A 735 -12.19 -6.94 12.75
N VAL A 736 -12.55 -7.16 11.49
CA VAL A 736 -11.57 -7.54 10.47
C VAL A 736 -10.54 -6.42 10.26
N ALA A 737 -11.00 -5.18 10.22
CA ALA A 737 -10.12 -4.01 10.11
C ALA A 737 -9.05 -3.95 11.21
N GLN A 738 -9.46 -4.20 12.44
CA GLN A 738 -8.55 -4.21 13.59
C GLN A 738 -7.62 -5.43 13.55
N TRP A 739 -8.18 -6.60 13.23
CA TRP A 739 -7.40 -7.83 13.12
C TRP A 739 -6.24 -7.72 12.12
N LEU A 740 -6.53 -7.15 10.95
CA LEU A 740 -5.52 -7.02 9.90
C LEU A 740 -4.39 -6.05 10.25
N SER A 741 -4.71 -4.99 11.00
CA SER A 741 -3.75 -3.90 11.23
C SER A 741 -3.16 -3.87 12.64
N THR A 742 -3.57 -4.83 13.48
CA THR A 742 -3.14 -4.87 14.88
C THR A 742 -2.62 -6.26 15.30
N VAL A 743 -3.13 -7.31 14.66
CA VAL A 743 -2.76 -8.68 15.01
C VAL A 743 -2.04 -9.38 13.85
N ASN A 744 -2.67 -9.39 12.68
CA ASN A 744 -2.11 -10.04 11.50
C ASN A 744 -0.76 -9.47 11.06
N THR A 745 -0.50 -8.21 11.41
CA THR A 745 0.79 -7.58 11.13
C THR A 745 1.89 -8.05 12.07
N GLN A 746 1.52 -8.37 13.31
CA GLN A 746 2.48 -8.92 14.27
C GLN A 746 2.92 -10.31 13.85
N PHE A 747 1.96 -11.07 13.30
CA PHE A 747 2.23 -12.42 12.82
C PHE A 747 3.04 -12.41 11.52
N TYR A 748 2.90 -11.34 10.75
CA TYR A 748 3.71 -11.13 9.56
C TYR A 748 5.17 -10.87 9.94
N THR A 749 5.38 -10.10 11.00
CA THR A 749 6.72 -9.78 11.49
C THR A 749 7.45 -11.03 12.01
N ILE A 750 6.68 -11.94 12.62
CA ILE A 750 7.20 -13.24 13.05
C ILE A 750 7.66 -14.08 11.86
N LYS A 751 6.86 -14.11 10.80
CA LYS A 751 7.21 -14.80 9.56
C LYS A 751 8.51 -14.25 8.94
N GLU A 752 8.64 -12.94 8.92
CA GLU A 752 9.85 -12.29 8.42
C GLU A 752 11.04 -12.51 9.35
N GLY A 753 10.77 -12.65 10.64
CA GLY A 753 11.79 -12.94 11.63
C GLY A 753 12.35 -14.33 11.47
N MET A 754 11.46 -15.28 11.16
CA MET A 754 11.85 -16.67 10.98
C MET A 754 12.64 -16.88 9.69
N TYR A 755 12.33 -16.09 8.66
CA TYR A 755 13.09 -16.14 7.42
C TYR A 755 14.51 -15.63 7.63
N LYS A 756 14.64 -14.56 8.40
CA LYS A 756 15.94 -14.01 8.76
C LYS A 756 16.71 -14.99 9.64
N ALA A 757 16.05 -15.49 10.68
CA ALA A 757 16.65 -16.46 11.60
C ALA A 757 17.18 -17.72 10.89
N LEU A 758 16.40 -18.27 9.96
CA LEU A 758 16.83 -19.45 9.20
C LEU A 758 17.97 -19.13 8.24
N ASN A 759 17.94 -17.94 7.65
CA ASN A 759 19.05 -17.46 6.83
C ASN A 759 20.34 -17.24 7.63
N TYR A 760 20.20 -16.77 8.86
CA TYR A 760 21.33 -16.58 9.75
C TYR A 760 22.01 -17.91 10.07
N GLN A 761 21.18 -18.94 10.32
CA GLN A 761 21.67 -20.29 10.60
C GLN A 761 22.41 -20.90 9.41
N ALA A 762 21.90 -20.65 8.21
CA ALA A 762 22.54 -21.12 6.97
C ALA A 762 23.87 -20.40 6.74
N GLN A 763 23.87 -19.09 6.95
CA GLN A 763 25.08 -18.26 6.82
C GLN A 763 26.16 -18.67 7.81
N ALA A 764 25.74 -19.03 9.03
CA ALA A 764 26.64 -19.53 10.06
C ALA A 764 27.25 -20.89 9.68
N LEU A 765 26.42 -21.79 9.16
CA LEU A 765 26.89 -23.11 8.74
C LEU A 765 27.84 -23.01 7.55
N GLU A 766 27.46 -22.20 6.56
CA GLU A 766 28.29 -21.94 5.37
C GLU A 766 29.66 -21.36 5.74
N GLU A 767 29.67 -20.43 6.70
CA GLU A 767 30.92 -19.85 7.19
C GLU A 767 31.81 -20.90 7.86
N ILE A 768 31.20 -21.76 8.68
CA ILE A 768 31.91 -22.84 9.36
C ILE A 768 32.49 -23.85 8.37
N ILE A 769 31.69 -24.30 7.42
CA ILE A 769 32.18 -25.20 6.39
C ILE A 769 33.33 -24.57 5.62
N LYS A 770 33.15 -23.32 5.18
CA LYS A 770 34.18 -22.59 4.44
C LYS A 770 35.49 -22.48 5.22
N TYR A 771 35.39 -22.20 6.52
CA TYR A 771 36.56 -22.08 7.38
C TYR A 771 37.27 -23.41 7.56
N ARG A 772 36.51 -24.45 7.88
CA ARG A 772 37.03 -25.80 8.05
C ARG A 772 37.69 -26.32 6.77
N TYR A 773 37.13 -25.94 5.62
CA TYR A 773 37.70 -26.32 4.32
C TYR A 773 39.08 -25.71 4.10
N ASN A 774 39.22 -24.42 4.43
CA ASN A 774 40.46 -23.68 4.18
C ASN A 774 41.59 -24.00 5.16
N ILE A 775 41.25 -24.62 6.28
CA ILE A 775 42.23 -25.02 7.30
C ILE A 775 43.17 -26.11 6.78
N TYR A 776 42.63 -27.02 5.95
CA TYR A 776 43.41 -28.10 5.37
C TYR A 776 44.52 -27.62 4.43
N SER A 777 45.49 -28.49 4.18
CA SER A 777 46.58 -28.21 3.25
C SER A 777 46.08 -28.17 1.80
N GLU A 778 46.90 -27.62 0.90
CA GLU A 778 46.55 -27.48 -0.51
C GLU A 778 46.42 -28.84 -1.22
N LYS A 779 47.10 -29.85 -0.70
CA LYS A 779 47.00 -31.21 -1.21
C LYS A 779 45.67 -31.83 -0.79
N GLU A 780 45.29 -31.61 0.48
CA GLU A 780 44.07 -32.16 1.05
C GLU A 780 42.81 -31.57 0.42
N LYS A 781 42.79 -30.24 0.25
CA LYS A 781 41.68 -29.53 -0.40
C LYS A 781 41.36 -30.09 -1.79
N SER A 782 42.41 -30.51 -2.49
CA SER A 782 42.32 -30.99 -3.86
C SER A 782 41.57 -32.31 -3.98
N ASN A 783 41.87 -33.24 -3.08
CA ASN A 783 41.38 -34.62 -3.17
C ASN A 783 39.93 -34.78 -2.79
N ILE A 784 39.56 -34.25 -1.63
CA ILE A 784 38.22 -34.36 -1.11
C ILE A 784 37.54 -32.99 -1.23
N ASN A 785 36.85 -32.79 -2.35
CA ASN A 785 36.22 -31.51 -2.68
C ASN A 785 34.69 -31.53 -2.63
N ILE A 786 34.12 -30.36 -2.34
CA ILE A 786 32.68 -30.15 -2.35
C ILE A 786 32.35 -28.94 -3.24
N ASP A 787 31.07 -28.80 -3.59
CA ASP A 787 30.60 -27.69 -4.37
C ASP A 787 29.89 -26.69 -3.45
N PHE A 788 30.36 -25.45 -3.45
CA PHE A 788 29.78 -24.40 -2.60
C PHE A 788 28.44 -23.90 -3.11
N ASN A 789 28.19 -24.08 -4.42
CA ASN A 789 26.89 -23.77 -5.00
C ASN A 789 25.86 -24.84 -4.64
N ASP A 790 26.34 -26.08 -4.49
CA ASP A 790 25.50 -27.20 -4.08
C ASP A 790 25.02 -27.04 -2.64
N ILE A 791 25.94 -26.65 -1.75
CA ILE A 791 25.61 -26.41 -0.33
C ILE A 791 24.59 -25.29 -0.19
N ASN A 792 24.81 -24.20 -0.91
CA ASN A 792 23.91 -23.05 -0.89
C ASN A 792 22.47 -23.40 -1.26
N SER A 793 22.30 -24.07 -2.40
CA SER A 793 20.97 -24.43 -2.93
C SER A 793 20.23 -25.43 -2.06
N LYS A 794 20.98 -26.37 -1.48
CA LYS A 794 20.42 -27.38 -0.58
C LYS A 794 19.92 -26.78 0.74
N LEU A 795 20.74 -25.89 1.33
CA LEU A 795 20.35 -25.18 2.54
C LEU A 795 19.20 -24.23 2.28
N ASN A 796 19.18 -23.65 1.09
CA ASN A 796 18.13 -22.72 0.68
C ASN A 796 16.79 -23.43 0.49
N GLU A 797 16.84 -24.64 -0.06
CA GLU A 797 15.65 -25.46 -0.31
C GLU A 797 15.01 -25.93 1.00
N GLY A 798 15.84 -26.25 1.99
CA GLY A 798 15.37 -26.56 3.33
C GLY A 798 14.67 -25.38 3.97
N ILE A 799 15.22 -24.18 3.74
CA ILE A 799 14.64 -22.94 4.24
C ILE A 799 13.24 -22.69 3.67
N ASN A 800 13.07 -22.84 2.36
CA ASN A 800 11.77 -22.65 1.73
C ASN A 800 10.72 -23.66 2.20
N GLN A 801 11.14 -24.91 2.38
CA GLN A 801 10.30 -25.95 2.98
C GLN A 801 9.89 -25.60 4.42
N ALA A 802 10.82 -25.02 5.17
CA ALA A 802 10.58 -24.62 6.55
C ALA A 802 9.64 -23.44 6.63
N ILE A 803 9.89 -22.43 5.79
CA ILE A 803 9.06 -21.22 5.73
C ILE A 803 7.62 -21.57 5.32
N ASP A 804 7.48 -22.62 4.51
CA ASP A 804 6.16 -23.14 4.17
C ASP A 804 5.42 -23.62 5.42
N ASN A 805 6.09 -24.48 6.19
CA ASN A 805 5.53 -24.98 7.45
C ASN A 805 5.18 -23.85 8.41
N ILE A 806 6.09 -22.90 8.57
CA ILE A 806 5.90 -21.74 9.45
C ILE A 806 4.73 -20.87 8.95
N ASN A 807 4.69 -20.63 7.64
CA ASN A 807 3.56 -19.93 6.99
C ASN A 807 2.20 -20.55 7.29
N ASN A 808 2.11 -21.87 7.14
CA ASN A 808 0.89 -22.62 7.42
C ASN A 808 0.49 -22.47 8.87
N PHE A 809 1.46 -22.66 9.78
CA PHE A 809 1.23 -22.56 11.22
C PHE A 809 0.80 -21.17 11.67
N ILE A 810 1.53 -20.15 11.22
CA ILE A 810 1.31 -18.76 11.62
C ILE A 810 -0.02 -18.20 11.10
N ASN A 811 -0.36 -18.54 9.86
CA ASN A 811 -1.66 -18.17 9.30
C ASN A 811 -2.78 -18.80 10.11
N GLY A 812 -2.58 -20.04 10.54
CA GLY A 812 -3.47 -20.72 11.46
C GLY A 812 -3.65 -19.96 12.75
N CYS A 813 -2.54 -19.53 13.36
CA CYS A 813 -2.57 -18.72 14.58
C CYS A 813 -3.38 -17.43 14.38
N SER A 814 -3.09 -16.71 13.31
CA SER A 814 -3.73 -15.43 13.02
C SER A 814 -5.25 -15.59 12.90
N VAL A 815 -5.69 -16.53 12.08
CA VAL A 815 -7.12 -16.81 11.89
C VAL A 815 -7.73 -17.32 13.20
N SER A 816 -7.05 -18.25 13.86
CA SER A 816 -7.51 -18.77 15.15
C SER A 816 -7.79 -17.63 16.13
N TYR A 817 -6.86 -16.68 16.20
CA TYR A 817 -7.02 -15.52 17.07
C TYR A 817 -8.26 -14.70 16.71
N LEU A 818 -8.47 -14.49 15.41
CA LEU A 818 -9.66 -13.79 14.93
C LEU A 818 -10.94 -14.51 15.34
N MET A 819 -10.94 -15.83 15.16
CA MET A 819 -12.14 -16.64 15.36
C MET A 819 -12.43 -16.98 16.83
N LYS A 820 -11.40 -16.95 17.67
CA LYS A 820 -11.57 -17.31 19.08
C LYS A 820 -11.57 -16.10 20.01
N LYS A 821 -10.75 -15.10 19.70
CA LYS A 821 -10.51 -13.99 20.63
C LYS A 821 -11.07 -12.66 20.15
N MET A 822 -11.72 -12.64 19.00
CA MET A 822 -12.20 -11.38 18.41
C MET A 822 -13.66 -11.43 17.95
N ILE A 823 -13.97 -12.33 17.01
CA ILE A 823 -15.31 -12.45 16.44
C ILE A 823 -16.40 -12.71 17.50
N PRO A 824 -16.20 -13.72 18.39
CA PRO A 824 -17.26 -14.05 19.36
C PRO A 824 -17.67 -12.84 20.22
N LEU A 825 -16.71 -11.99 20.56
CA LEU A 825 -16.97 -10.81 21.38
C LEU A 825 -17.83 -9.76 20.66
N ALA A 826 -17.63 -9.65 19.35
CA ALA A 826 -18.44 -8.77 18.51
C ALA A 826 -19.85 -9.32 18.36
N VAL A 827 -19.94 -10.61 18.07
CA VAL A 827 -21.23 -11.31 17.93
C VAL A 827 -22.06 -11.18 19.21
N GLU A 828 -21.39 -11.28 20.36
CA GLU A 828 -22.05 -11.17 21.66
C GLU A 828 -22.75 -9.83 21.88
N LYS A 829 -22.15 -8.75 21.36
CA LYS A 829 -22.75 -7.42 21.46
C LYS A 829 -23.84 -7.22 20.40
N LEU A 830 -23.73 -7.95 19.30
CA LEU A 830 -24.74 -7.92 18.24
C LEU A 830 -25.99 -8.68 18.66
N LEU A 831 -25.82 -9.67 19.54
CA LEU A 831 -26.94 -10.42 20.10
C LEU A 831 -27.68 -9.63 21.18
N ASP A 832 -26.99 -8.68 21.80
CA ASP A 832 -27.62 -7.71 22.70
C ASP A 832 -28.46 -6.72 21.90
N PHE A 833 -27.86 -6.20 20.84
CA PHE A 833 -28.52 -5.28 19.90
C PHE A 833 -29.79 -5.90 19.29
N ASP A 834 -29.72 -7.17 18.93
CA ASP A 834 -30.87 -7.90 18.38
C ASP A 834 -32.05 -7.96 19.34
N ASN A 835 -31.77 -8.26 20.62
CA ASN A 835 -32.82 -8.29 21.66
C ASN A 835 -33.43 -6.93 21.90
N THR A 836 -32.58 -5.89 21.91
CA THR A 836 -33.03 -4.52 22.07
C THR A 836 -33.91 -4.10 20.89
N LEU A 837 -33.49 -4.45 19.68
CA LEU A 837 -34.27 -4.18 18.47
C LEU A 837 -35.56 -4.98 18.43
N LYS A 838 -35.50 -6.21 18.96
CA LYS A 838 -36.66 -7.09 19.08
C LYS A 838 -37.71 -6.40 19.94
N LYS A 839 -37.33 -5.99 21.14
CA LYS A 839 -38.20 -5.28 22.06
C LYS A 839 -38.77 -4.01 21.41
N ASN A 840 -37.89 -3.25 20.75
CA ASN A 840 -38.26 -2.00 20.08
C ASN A 840 -39.30 -2.20 18.98
N LEU A 841 -39.03 -3.13 18.06
CA LEU A 841 -39.92 -3.39 16.93
C LEU A 841 -41.26 -3.97 17.33
N LEU A 842 -41.25 -4.88 18.31
CA LEU A 842 -42.50 -5.47 18.84
C LEU A 842 -43.39 -4.41 19.47
N ASN A 843 -42.79 -3.53 20.26
CA ASN A 843 -43.51 -2.41 20.86
C ASN A 843 -44.04 -1.43 19.81
N TYR A 844 -43.26 -1.22 18.75
CA TYR A 844 -43.66 -0.38 17.62
C TYR A 844 -44.91 -0.92 16.92
N ILE A 845 -44.97 -2.25 16.76
CA ILE A 845 -46.13 -2.92 16.17
C ILE A 845 -47.38 -2.74 17.05
N ASP A 846 -47.19 -2.82 18.36
CA ASP A 846 -48.29 -2.60 19.33
C ASP A 846 -48.85 -1.18 19.25
N GLU A 847 -47.95 -0.19 19.24
CA GLU A 847 -48.34 1.21 19.16
C GLU A 847 -48.98 1.57 17.82
N ASN A 848 -49.01 0.61 16.90
CA ASN A 848 -49.57 0.81 15.57
C ASN A 848 -50.49 -0.35 15.12
N LYS A 849 -51.03 -1.09 16.09
CA LYS A 849 -51.85 -2.28 15.80
C LYS A 849 -53.14 -1.96 15.05
N LEU A 850 -53.73 -0.81 15.33
CA LEU A 850 -54.99 -0.37 14.72
C LEU A 850 -54.83 0.09 13.28
N TYR A 851 -53.63 0.58 12.95
CA TYR A 851 -53.36 1.13 11.62
C TYR A 851 -52.99 0.04 10.63
N LEU A 852 -52.74 -1.16 11.15
CA LEU A 852 -52.44 -2.32 10.32
C LEU A 852 -53.68 -3.21 10.20
N ILE A 853 -54.14 -3.74 11.34
CA ILE A 853 -55.30 -4.64 11.41
C ILE A 853 -55.14 -5.92 10.59
N GLY A 854 -54.99 -5.77 9.28
CA GLY A 854 -54.92 -6.89 8.35
C GLY A 854 -53.69 -7.77 8.44
N SER A 855 -52.61 -7.23 8.99
CA SER A 855 -51.34 -7.95 9.04
C SER A 855 -50.45 -7.63 10.26
N ALA A 856 -51.08 -7.51 11.43
CA ALA A 856 -50.35 -7.23 12.66
C ALA A 856 -49.59 -8.45 13.17
N GLU A 857 -50.22 -9.61 13.10
CA GLU A 857 -49.61 -10.88 13.54
C GLU A 857 -48.59 -11.39 12.52
N TYR A 858 -48.76 -10.99 11.26
CA TYR A 858 -47.82 -11.31 10.20
C TYR A 858 -46.49 -10.60 10.41
N GLU A 859 -46.56 -9.29 10.68
CA GLU A 859 -45.37 -8.48 10.92
C GLU A 859 -44.64 -8.88 12.21
N LYS A 860 -45.41 -9.35 13.19
CA LYS A 860 -44.86 -9.77 14.47
C LYS A 860 -44.06 -11.07 14.35
N SER A 861 -44.51 -11.97 13.48
CA SER A 861 -43.79 -13.21 13.19
C SER A 861 -42.63 -12.95 12.21
N LYS A 862 -42.74 -11.87 11.45
CA LYS A 862 -41.69 -11.44 10.53
C LYS A 862 -40.49 -10.92 11.31
N VAL A 863 -40.75 -10.06 12.30
CA VAL A 863 -39.72 -9.53 13.19
C VAL A 863 -39.06 -10.67 13.99
N ASN A 864 -39.88 -11.62 14.42
CA ASN A 864 -39.40 -12.75 15.24
C ASN A 864 -38.44 -13.69 14.53
N LYS A 865 -38.68 -13.95 13.24
CA LYS A 865 -37.86 -14.91 12.51
C LYS A 865 -36.63 -14.31 11.85
N TYR A 866 -36.74 -13.05 11.42
CA TYR A 866 -35.62 -12.34 10.80
C TYR A 866 -34.50 -12.07 11.81
N LEU A 867 -34.86 -11.92 13.08
CA LEU A 867 -33.90 -11.64 14.14
C LEU A 867 -33.34 -12.90 14.80
N LYS A 868 -33.68 -14.06 14.24
CA LYS A 868 -33.04 -15.32 14.61
C LYS A 868 -32.00 -15.75 13.56
N THR A 869 -32.07 -15.13 12.38
CA THR A 869 -31.09 -15.35 11.33
C THR A 869 -29.86 -14.48 11.59
N ILE A 870 -28.85 -15.06 12.23
CA ILE A 870 -27.58 -14.37 12.47
C ILE A 870 -26.72 -14.37 11.20
N MET A 871 -26.26 -13.19 10.80
CA MET A 871 -25.43 -13.08 9.60
C MET A 871 -24.15 -13.89 9.78
N PRO A 872 -23.90 -14.84 8.86
CA PRO A 872 -22.68 -15.65 8.95
C PRO A 872 -21.45 -14.82 8.63
N PHE A 873 -20.38 -14.99 9.41
CA PHE A 873 -19.14 -14.30 9.15
C PHE A 873 -18.38 -15.03 8.04
N ASP A 874 -18.08 -14.31 6.95
CA ASP A 874 -17.34 -14.87 5.82
C ASP A 874 -16.11 -14.02 5.50
N LEU A 875 -14.93 -14.62 5.69
CA LEU A 875 -13.66 -13.94 5.48
C LEU A 875 -13.34 -13.68 4.01
N SER A 876 -14.00 -14.41 3.11
CA SER A 876 -13.80 -14.26 1.67
C SER A 876 -14.24 -12.89 1.15
N ILE A 877 -15.13 -12.24 1.89
CA ILE A 877 -15.59 -10.87 1.62
C ILE A 877 -14.43 -9.87 1.70
N TYR A 878 -13.52 -10.10 2.65
CA TYR A 878 -12.46 -9.14 2.98
C TYR A 878 -11.11 -9.44 2.34
N THR A 879 -10.82 -10.71 2.09
CA THR A 879 -9.54 -11.13 1.51
C THR A 879 -9.71 -12.01 0.27
N ASN A 880 -8.63 -12.14 -0.50
CA ASN A 880 -8.57 -13.04 -1.65
C ASN A 880 -7.25 -13.81 -1.71
N ASP A 881 -6.73 -14.15 -0.52
CA ASP A 881 -5.42 -14.78 -0.42
C ASP A 881 -5.42 -16.28 -0.67
N THR A 882 -6.62 -16.88 -0.68
CA THR A 882 -6.83 -18.35 -0.81
C THR A 882 -6.19 -19.16 0.31
N ILE A 883 -4.95 -18.80 0.68
CA ILE A 883 -4.24 -19.44 1.79
C ILE A 883 -4.94 -19.18 3.14
N LEU A 884 -5.36 -17.93 3.35
CA LEU A 884 -6.10 -17.56 4.55
C LEU A 884 -7.58 -17.96 4.46
N ILE A 885 -8.07 -18.11 3.24
CA ILE A 885 -9.46 -18.51 2.98
C ILE A 885 -9.68 -19.96 3.42
N GLU A 886 -8.68 -20.81 3.18
CA GLU A 886 -8.74 -22.23 3.52
C GLU A 886 -8.60 -22.44 5.04
N MET A 887 -7.74 -21.63 5.66
CA MET A 887 -7.58 -21.65 7.12
C MET A 887 -8.88 -21.29 7.81
N PHE A 888 -9.63 -20.35 7.22
CA PHE A 888 -10.94 -19.96 7.70
C PHE A 888 -11.95 -21.11 7.51
N ASN A 889 -11.84 -21.79 6.37
CA ASN A 889 -12.75 -22.89 6.04
C ASN A 889 -12.53 -24.15 6.87
N LYS A 890 -11.27 -24.44 7.20
CA LYS A 890 -10.92 -25.57 8.07
C LYS A 890 -11.52 -25.41 9.47
N TYR A 891 -11.59 -24.17 9.94
CA TYR A 891 -12.17 -23.83 11.23
C TYR A 891 -13.66 -24.17 11.28
N ASN A 892 -14.06 -24.87 12.34
CA ASN A 892 -15.45 -25.27 12.55
C ASN A 892 -16.23 -24.23 13.36
#